data_3I3X
#
_entry.id   3I3X
#
_cell.length_a   106.953
_cell.length_b   106.953
_cell.length_c   116.536
_cell.angle_alpha   90.00
_cell.angle_beta   90.00
_cell.angle_gamma   120.00
#
_symmetry.space_group_name_H-M   'P 3 2 1'
#
loop_
_entity.id
_entity.type
_entity.pdbx_description
1 polymer 'Acyl-[acyl-carrier-protein]--UDP-N-acetylglucosamine O-acyltransferase'
2 non-polymer "uridine-5'-diphosphate-3-N-(R-3-hydroxylauroyl)-N-acetyl-D-glucosamine"
3 water water
#
_entity_poly.entity_id   1
_entity_poly.type   'polypeptide(L)'
_entity_poly.pdbx_seq_one_letter_code
;MKIHPTAIIDPKAELHESVEVGPYSIIEGNVSIQEGTIIEGHVKICAGSEIGKFNRFHQGAVIGVMPQDLGFNQQLLTKT
VIGDHNIFREYSNIHKGTKEDSPTVIGNKNYFMGNSHVGHDCILGNNNILTHGAVLAGHVTLGNFAFISGLVAVHQFCFV
GDYSMVAGLAKVVQDVPPYSTVDGNPSTVVGLNSVGMKRAGFSPEVRNAIKHAYKVIYHSGISTRKALDELEASGNLIEQ
VKYIIKFFRDSDRGVTNHR
;
_entity_poly.pdbx_strand_id   A,B,C
#
# COMPACT_ATOMS: atom_id res chain seq x y z
N MET A 1 23.62 3.81 52.05
CA MET A 1 24.26 5.15 52.07
C MET A 1 25.80 5.10 52.04
N LYS A 2 26.34 3.89 51.81
CA LYS A 2 27.79 3.65 51.91
C LYS A 2 28.57 3.99 50.63
N ILE A 3 29.60 4.81 50.80
CA ILE A 3 30.51 5.21 49.74
C ILE A 3 31.91 4.71 50.09
N HIS A 4 32.62 4.14 49.11
CA HIS A 4 33.97 3.63 49.34
C HIS A 4 34.96 4.80 49.52
N PRO A 5 35.89 4.67 50.49
CA PRO A 5 36.90 5.69 50.81
C PRO A 5 37.85 6.04 49.66
N THR A 6 38.13 5.08 48.78
CA THR A 6 39.06 5.27 47.68
C THR A 6 38.41 5.84 46.41
N ALA A 7 37.22 6.42 46.55
CA ALA A 7 36.54 7.05 45.42
C ALA A 7 36.86 8.55 45.38
N ILE A 8 37.14 9.05 44.17
CA ILE A 8 37.41 10.47 43.97
C ILE A 8 36.13 11.16 43.48
N ILE A 9 35.39 11.76 44.41
CA ILE A 9 34.15 12.47 44.09
C ILE A 9 34.32 13.96 44.39
N ASP A 10 34.05 14.78 43.39
CA ASP A 10 34.06 16.23 43.52
C ASP A 10 33.12 16.66 44.65
N PRO A 11 33.56 17.62 45.50
CA PRO A 11 32.71 18.24 46.51
C PRO A 11 31.36 18.77 45.98
N LYS A 12 31.39 19.39 44.80
CA LYS A 12 30.18 20.02 44.22
C LYS A 12 29.14 19.03 43.66
N ALA A 13 29.57 17.81 43.35
CA ALA A 13 28.67 16.77 42.83
C ALA A 13 27.48 16.56 43.76
N GLU A 14 26.28 16.63 43.18
CA GLU A 14 25.04 16.53 43.95
C GLU A 14 24.55 15.09 44.00
N LEU A 15 25.10 14.32 44.93
CA LEU A 15 24.66 12.95 45.12
C LEU A 15 23.66 12.88 46.25
N HIS A 16 22.57 12.14 46.02
CA HIS A 16 21.57 11.85 47.03
C HIS A 16 22.22 11.05 48.16
N GLU A 17 21.61 11.03 49.33
CA GLU A 17 22.20 10.37 50.49
C GLU A 17 22.18 8.84 50.40
N SER A 18 21.23 8.29 49.64
CA SER A 18 21.08 6.84 49.48
C SER A 18 22.13 6.24 48.56
N VAL A 19 22.66 7.07 47.66
CA VAL A 19 23.59 6.66 46.60
C VAL A 19 24.80 5.86 47.10
N GLU A 20 25.26 4.91 46.27
CA GLU A 20 26.44 4.09 46.56
C GLU A 20 27.47 4.21 45.45
N VAL A 21 28.73 4.45 45.85
CA VAL A 21 29.85 4.61 44.91
C VAL A 21 30.95 3.62 45.30
N GLY A 22 31.33 2.75 44.36
CA GLY A 22 32.29 1.68 44.63
C GLY A 22 33.74 2.12 44.54
N PRO A 23 34.68 1.16 44.73
CA PRO A 23 36.11 1.44 44.79
C PRO A 23 36.70 2.02 43.51
N TYR A 24 37.50 3.08 43.67
CA TYR A 24 38.33 3.64 42.59
C TYR A 24 37.51 4.29 41.45
N SER A 25 36.25 4.60 41.75
CA SER A 25 35.41 5.37 40.85
C SER A 25 35.75 6.86 40.92
N ILE A 26 35.45 7.58 39.83
CA ILE A 26 35.77 9.00 39.73
C ILE A 26 34.53 9.79 39.29
N ILE A 27 34.01 10.62 40.18
CA ILE A 27 32.88 11.51 39.86
C ILE A 27 33.34 12.97 39.81
N GLU A 28 32.98 13.65 38.74
CA GLU A 28 33.45 15.02 38.52
C GLU A 28 32.47 16.04 39.07
N GLY A 29 32.81 17.33 38.93
CA GLY A 29 31.93 18.41 39.35
C GLY A 29 30.83 18.57 38.32
N ASN A 30 29.74 19.22 38.71
CA ASN A 30 28.59 19.44 37.81
C ASN A 30 27.90 18.09 37.49
N VAL A 31 27.68 17.31 38.54
CA VAL A 31 27.08 15.99 38.42
C VAL A 31 25.92 15.88 39.40
N SER A 32 24.75 15.48 38.92
CA SER A 32 23.62 15.19 39.79
C SER A 32 23.23 13.72 39.69
N ILE A 33 23.19 13.07 40.85
CA ILE A 33 22.84 11.66 40.94
C ILE A 33 21.73 11.54 41.97
N GLN A 34 20.56 11.05 41.53
CA GLN A 34 19.39 10.96 42.38
C GLN A 34 19.31 9.64 43.15
N GLU A 35 18.16 9.42 43.80
CA GLU A 35 17.98 8.42 44.84
C GLU A 35 18.03 6.96 44.36
N GLY A 36 18.79 6.13 45.07
CA GLY A 36 18.79 4.68 44.84
C GLY A 36 19.78 4.20 43.79
N THR A 37 20.45 5.13 43.13
CA THR A 37 21.44 4.81 42.10
C THR A 37 22.72 4.20 42.70
N ILE A 38 23.04 2.98 42.25
CA ILE A 38 24.24 2.27 42.70
C ILE A 38 25.33 2.27 41.62
N ILE A 39 26.51 2.76 42.01
CA ILE A 39 27.70 2.77 41.18
C ILE A 39 28.70 1.76 41.75
N GLU A 40 29.27 0.93 40.87
CA GLU A 40 30.25 -0.07 41.28
C GLU A 40 31.66 0.51 41.29
N GLY A 41 32.65 -0.30 40.91
CA GLY A 41 34.03 0.15 40.89
C GLY A 41 34.47 0.67 39.55
N HIS A 42 35.54 1.48 39.56
CA HIS A 42 36.16 2.02 38.33
C HIS A 42 35.19 2.71 37.36
N VAL A 43 34.03 3.13 37.85
CA VAL A 43 33.09 3.92 37.06
C VAL A 43 33.49 5.41 37.02
N LYS A 44 33.41 6.02 35.85
CA LYS A 44 33.64 7.45 35.72
C LYS A 44 32.35 8.17 35.29
N ILE A 45 31.93 9.15 36.09
CA ILE A 45 30.79 10.01 35.76
C ILE A 45 31.33 11.42 35.50
N CYS A 46 31.24 11.86 34.25
CA CYS A 46 31.86 13.11 33.83
C CYS A 46 30.95 14.31 34.07
N ALA A 47 31.53 15.50 34.05
CA ALA A 47 30.80 16.76 34.18
C ALA A 47 29.69 16.90 33.12
N GLY A 48 28.52 17.36 33.58
CA GLY A 48 27.37 17.53 32.71
C GLY A 48 26.34 16.41 32.90
N SER A 49 26.68 15.43 33.74
CA SER A 49 25.83 14.25 33.89
C SER A 49 24.72 14.40 34.92
N GLU A 50 23.48 14.24 34.45
CA GLU A 50 22.29 14.32 35.31
C GLU A 50 21.61 12.97 35.35
N ILE A 51 21.90 12.23 36.42
CA ILE A 51 21.48 10.85 36.57
C ILE A 51 20.30 10.76 37.53
N GLY A 52 19.28 10.01 37.12
CA GLY A 52 18.07 9.85 37.90
C GLY A 52 18.13 8.79 38.98
N LYS A 53 16.99 8.16 39.21
CA LYS A 53 16.79 7.28 40.35
C LYS A 53 16.93 5.81 40.01
N PHE A 54 17.49 5.04 40.94
CA PHE A 54 17.53 3.57 40.87
C PHE A 54 18.25 2.99 39.63
N ASN A 55 19.22 3.76 39.12
CA ASN A 55 20.10 3.31 38.06
C ASN A 55 21.23 2.46 38.63
N ARG A 56 21.86 1.66 37.78
CA ARG A 56 23.05 0.93 38.19
C ARG A 56 24.13 1.08 37.12
N PHE A 57 25.35 1.32 37.59
CA PHE A 57 26.51 1.48 36.73
C PHE A 57 27.55 0.46 37.18
N HIS A 58 27.68 -0.62 36.42
CA HIS A 58 28.66 -1.68 36.67
C HIS A 58 30.08 -1.25 36.40
N GLN A 59 31.01 -2.08 36.84
CA GLN A 59 32.43 -1.77 36.77
C GLN A 59 32.97 -1.26 35.42
N GLY A 60 33.61 -0.10 35.47
CA GLY A 60 34.32 0.43 34.30
C GLY A 60 33.47 1.23 33.33
N ALA A 61 32.17 1.28 33.57
CA ALA A 61 31.24 2.12 32.79
C ALA A 61 31.68 3.56 32.84
N VAL A 62 31.55 4.23 31.70
CA VAL A 62 32.08 5.56 31.52
C VAL A 62 30.94 6.43 30.99
N ILE A 63 30.58 7.45 31.78
CA ILE A 63 29.35 8.21 31.56
C ILE A 63 29.63 9.68 31.30
N GLY A 64 29.08 10.18 30.20
CA GLY A 64 29.22 11.57 29.82
C GLY A 64 30.59 11.97 29.30
N VAL A 65 31.35 11.02 28.77
CA VAL A 65 32.66 11.31 28.20
C VAL A 65 32.57 12.16 26.93
N MET A 66 33.71 12.73 26.52
CA MET A 66 33.76 13.64 25.37
C MET A 66 33.20 13.01 24.10
N PRO A 67 32.42 13.78 23.32
CA PRO A 67 32.03 13.34 21.97
C PRO A 67 33.20 12.89 21.12
N GLN A 68 33.03 11.78 20.41
CA GLN A 68 33.98 11.36 19.40
C GLN A 68 33.68 12.13 18.09
N ASP A 69 33.89 13.44 18.21
CA ASP A 69 33.64 14.42 17.16
C ASP A 69 34.88 15.31 17.16
N LEU A 70 35.64 15.25 16.06
CA LEU A 70 36.91 15.99 15.97
C LEU A 70 36.74 17.51 15.88
N GLY A 71 35.52 17.96 15.54
CA GLY A 71 35.20 19.37 15.52
C GLY A 71 34.57 19.93 16.79
N PHE A 72 34.46 19.09 17.82
CA PHE A 72 33.81 19.50 19.06
C PHE A 72 34.77 20.27 19.99
N ASN A 73 34.23 21.33 20.60
CA ASN A 73 34.98 22.20 21.51
C ASN A 73 34.92 21.64 22.93
N GLN A 74 36.04 21.11 23.42
CA GLN A 74 36.05 20.38 24.69
C GLN A 74 35.85 21.28 25.94
N GLN A 75 36.01 22.58 25.75
CA GLN A 75 35.74 23.54 26.83
C GLN A 75 34.24 23.82 27.06
N LEU A 76 33.39 23.30 26.16
CA LEU A 76 31.94 23.47 26.29
C LEU A 76 31.34 22.63 27.41
N LEU A 77 30.28 23.15 28.02
CA LEU A 77 29.56 22.44 29.07
C LEU A 77 28.32 21.79 28.51
N THR A 78 28.43 20.51 28.16
CA THR A 78 27.33 19.80 27.52
C THR A 78 26.93 18.61 28.40
N LYS A 79 25.72 18.12 28.20
CA LYS A 79 25.06 17.27 29.18
C LYS A 79 24.80 15.82 28.72
N THR A 80 24.65 14.96 29.73
CA THR A 80 24.17 13.61 29.58
C THR A 80 23.01 13.45 30.56
N VAL A 81 21.81 13.30 30.00
CA VAL A 81 20.56 13.19 30.75
C VAL A 81 20.12 11.73 30.77
N ILE A 82 20.06 11.15 31.96
CA ILE A 82 19.72 9.75 32.18
C ILE A 82 18.56 9.68 33.18
N GLY A 83 17.53 8.91 32.83
CA GLY A 83 16.32 8.77 33.66
C GLY A 83 16.46 7.79 34.80
N ASP A 84 15.39 7.01 35.02
CA ASP A 84 15.32 6.08 36.13
C ASP A 84 15.44 4.64 35.68
N HIS A 85 15.95 3.79 36.57
CA HIS A 85 15.87 2.33 36.45
C HIS A 85 16.64 1.76 35.25
N ASN A 86 17.66 2.50 34.81
CA ASN A 86 18.55 2.09 33.73
C ASN A 86 19.68 1.24 34.27
N ILE A 87 20.15 0.29 33.47
CA ILE A 87 21.30 -0.51 33.85
C ILE A 87 22.38 -0.33 32.80
N PHE A 88 23.57 0.05 33.27
CA PHE A 88 24.74 0.23 32.44
C PHE A 88 25.76 -0.82 32.85
N ARG A 89 26.00 -1.79 31.96
CA ARG A 89 26.88 -2.92 32.28
C ARG A 89 28.36 -2.58 32.09
N GLU A 90 29.23 -3.53 32.41
CA GLU A 90 30.67 -3.32 32.46
C GLU A 90 31.23 -2.68 31.20
N TYR A 91 31.97 -1.59 31.39
CA TYR A 91 32.65 -0.87 30.30
C TYR A 91 31.73 -0.31 29.20
N SER A 92 30.44 -0.19 29.51
CA SER A 92 29.52 0.50 28.61
C SER A 92 29.92 1.96 28.62
N ASN A 93 29.68 2.64 27.50
N ASN A 93 29.78 2.62 27.48
CA ASN A 93 30.30 3.92 27.22
CA ASN A 93 30.29 3.98 27.35
C ASN A 93 29.28 4.92 26.64
C ASN A 93 29.31 4.91 26.67
N ILE A 94 28.95 5.94 27.42
CA ILE A 94 27.92 6.91 27.04
C ILE A 94 28.59 8.27 26.91
N HIS A 95 28.37 8.92 25.77
CA HIS A 95 29.04 10.16 25.44
C HIS A 95 28.03 11.29 25.56
N LYS A 96 28.51 12.45 26.00
CA LYS A 96 27.65 13.64 26.18
C LYS A 96 27.39 14.34 24.85
N GLY A 97 26.52 15.35 24.91
CA GLY A 97 26.11 16.12 23.74
C GLY A 97 27.21 17.00 23.22
N THR A 98 26.97 17.58 22.06
CA THR A 98 27.96 18.44 21.40
C THR A 98 27.55 19.91 21.44
N LYS A 99 26.36 20.19 21.98
CA LYS A 99 25.84 21.55 22.13
C LYS A 99 25.14 21.72 23.47
N GLU A 100 25.21 22.95 23.99
CA GLU A 100 24.60 23.31 25.27
C GLU A 100 23.11 22.91 25.35
N ASP A 101 22.38 23.11 24.26
CA ASP A 101 20.95 22.77 24.17
C ASP A 101 20.65 21.40 23.50
N SER A 102 21.68 20.63 23.15
CA SER A 102 21.46 19.24 22.74
C SER A 102 22.26 18.25 23.58
N PRO A 103 21.66 17.78 24.70
CA PRO A 103 22.24 16.73 25.50
C PRO A 103 22.09 15.36 24.84
N THR A 104 22.81 14.37 25.39
CA THR A 104 22.49 12.96 25.14
C THR A 104 21.43 12.55 26.14
N VAL A 105 20.33 12.00 25.62
CA VAL A 105 19.14 11.73 26.44
C VAL A 105 18.80 10.24 26.44
N ILE A 106 18.81 9.66 27.64
CA ILE A 106 18.37 8.29 27.89
C ILE A 106 17.21 8.36 28.88
N GLY A 107 16.10 7.70 28.53
CA GLY A 107 14.91 7.69 29.38
C GLY A 107 15.02 6.72 30.53
N ASN A 108 13.99 5.88 30.67
CA ASN A 108 13.86 4.96 31.80
C ASN A 108 13.92 3.53 31.37
N LYS A 109 14.37 2.67 32.29
CA LYS A 109 14.27 1.22 32.13
C LYS A 109 14.98 0.67 30.87
N ASN A 110 16.09 1.30 30.52
CA ASN A 110 16.95 0.85 29.43
C ASN A 110 18.08 -0.02 29.95
N TYR A 111 18.61 -0.86 29.07
CA TYR A 111 19.63 -1.81 29.46
C TYR A 111 20.77 -1.73 28.45
N PHE A 112 21.94 -1.35 28.94
CA PHE A 112 23.10 -1.23 28.11
C PHE A 112 24.07 -2.34 28.49
N MET A 113 24.22 -3.34 27.61
CA MET A 113 25.09 -4.47 27.91
C MET A 113 26.55 -4.09 27.85
N GLY A 114 27.43 -4.96 28.33
CA GLY A 114 28.87 -4.67 28.41
C GLY A 114 29.39 -4.12 27.09
N ASN A 115 30.31 -3.18 27.18
CA ASN A 115 30.99 -2.61 26.05
C ASN A 115 30.10 -2.02 24.94
N SER A 116 28.87 -1.71 25.25
CA SER A 116 27.96 -1.09 24.30
C SER A 116 28.17 0.42 24.37
N HIS A 117 27.84 1.11 23.28
CA HIS A 117 28.21 2.49 23.09
C HIS A 117 27.08 3.35 22.55
N VAL A 118 26.87 4.50 23.23
CA VAL A 118 25.92 5.51 22.79
C VAL A 118 26.68 6.81 22.48
N GLY A 119 26.74 7.16 21.19
CA GLY A 119 27.43 8.34 20.71
C GLY A 119 26.76 9.65 21.08
N HIS A 120 27.50 10.74 20.93
CA HIS A 120 27.04 12.10 21.25
C HIS A 120 25.69 12.43 20.62
N ASP A 121 24.81 13.02 21.42
CA ASP A 121 23.51 13.54 20.95
C ASP A 121 22.46 12.47 20.58
N CYS A 122 22.71 11.22 20.95
CA CYS A 122 21.69 10.19 20.82
C CYS A 122 20.50 10.50 21.73
N ILE A 123 19.31 10.13 21.26
CA ILE A 123 18.09 10.21 22.06
C ILE A 123 17.45 8.83 22.10
N LEU A 124 17.32 8.32 23.32
CA LEU A 124 16.72 7.02 23.58
C LEU A 124 15.54 7.19 24.51
N GLY A 125 14.42 6.54 24.18
CA GLY A 125 13.23 6.54 25.03
C GLY A 125 13.37 5.57 26.19
N ASN A 126 12.37 4.70 26.35
CA ASN A 126 12.31 3.79 27.48
C ASN A 126 12.33 2.31 27.10
N ASN A 127 12.81 1.49 28.03
CA ASN A 127 12.73 0.02 27.93
C ASN A 127 13.50 -0.59 26.74
N ASN A 128 14.46 0.16 26.24
CA ASN A 128 15.30 -0.30 25.15
C ASN A 128 16.40 -1.28 25.63
N ILE A 129 16.82 -2.17 24.74
CA ILE A 129 18.00 -2.99 25.02
C ILE A 129 19.08 -2.77 23.98
N LEU A 130 20.25 -2.34 24.46
CA LEU A 130 21.45 -2.26 23.64
C LEU A 130 22.37 -3.40 24.04
N THR A 131 22.43 -4.42 23.17
CA THR A 131 23.18 -5.65 23.44
C THR A 131 24.70 -5.50 23.33
N HIS A 132 25.42 -6.52 23.80
CA HIS A 132 26.87 -6.48 24.01
C HIS A 132 27.61 -6.03 22.78
N GLY A 133 28.55 -5.11 22.95
CA GLY A 133 29.36 -4.60 21.86
C GLY A 133 28.68 -3.74 20.79
N ALA A 134 27.38 -3.51 20.91
CA ALA A 134 26.66 -2.68 19.94
C ALA A 134 27.03 -1.21 20.07
N VAL A 135 27.09 -0.52 18.92
CA VAL A 135 27.49 0.88 18.88
C VAL A 135 26.47 1.73 18.13
N LEU A 136 26.02 2.79 18.79
CA LEU A 136 25.25 3.81 18.12
C LEU A 136 26.16 4.98 17.86
N ALA A 137 26.16 5.45 16.61
CA ALA A 137 26.84 6.67 16.22
C ALA A 137 26.14 7.85 16.86
N GLY A 138 26.69 9.05 16.68
CA GLY A 138 26.09 10.26 17.19
C GLY A 138 24.74 10.46 16.51
N HIS A 139 23.84 11.15 17.20
CA HIS A 139 22.53 11.50 16.63
C HIS A 139 21.63 10.33 16.22
N VAL A 140 21.80 9.19 16.91
CA VAL A 140 20.89 8.08 16.75
C VAL A 140 19.70 8.20 17.74
N THR A 141 18.50 7.96 17.22
CA THR A 141 17.26 8.03 18.01
C THR A 141 16.62 6.65 18.08
N LEU A 142 16.37 6.21 19.32
CA LEU A 142 15.57 5.02 19.58
C LEU A 142 14.29 5.43 20.28
N GLY A 143 13.19 4.76 19.91
CA GLY A 143 11.92 4.97 20.57
C GLY A 143 11.84 4.18 21.88
N ASN A 144 10.80 3.38 22.00
CA ASN A 144 10.57 2.59 23.20
C ASN A 144 10.60 1.11 22.87
N PHE A 145 11.21 0.32 23.75
CA PHE A 145 11.19 -1.14 23.65
C PHE A 145 11.90 -1.65 22.40
N ALA A 146 12.88 -0.90 21.89
CA ALA A 146 13.68 -1.39 20.76
C ALA A 146 14.67 -2.39 21.29
N PHE A 147 14.85 -3.49 20.56
CA PHE A 147 15.86 -4.46 20.93
C PHE A 147 16.95 -4.42 19.87
N ILE A 148 18.14 -4.00 20.26
CA ILE A 148 19.29 -3.94 19.37
C ILE A 148 20.32 -5.00 19.75
N SER A 149 20.47 -6.00 18.89
CA SER A 149 21.29 -7.17 19.25
C SER A 149 22.81 -6.90 19.25
N GLY A 150 23.60 -7.95 19.44
CA GLY A 150 25.03 -7.80 19.70
C GLY A 150 25.86 -7.37 18.51
N LEU A 151 26.81 -6.48 18.72
CA LEU A 151 27.74 -6.06 17.68
C LEU A 151 27.06 -5.44 16.43
N VAL A 152 25.91 -4.79 16.67
CA VAL A 152 25.24 -4.00 15.64
C VAL A 152 25.92 -2.63 15.60
N ALA A 153 26.00 -2.02 14.41
CA ALA A 153 26.40 -0.62 14.28
C ALA A 153 25.28 0.21 13.64
N VAL A 154 24.94 1.35 14.27
CA VAL A 154 23.89 2.22 13.74
C VAL A 154 24.48 3.55 13.31
N HIS A 155 24.27 3.87 12.04
CA HIS A 155 24.69 5.13 11.42
C HIS A 155 24.03 6.34 12.06
N GLN A 156 24.77 7.45 12.08
CA GLN A 156 24.31 8.76 12.56
C GLN A 156 22.99 9.14 11.89
N PHE A 157 22.09 9.77 12.66
CA PHE A 157 20.80 10.31 12.16
C PHE A 157 19.71 9.26 11.79
N CYS A 158 19.98 8.00 12.08
CA CYS A 158 18.95 6.98 11.96
C CYS A 158 17.98 7.02 13.15
N PHE A 159 16.75 6.63 12.86
CA PHE A 159 15.71 6.43 13.87
C PHE A 159 15.45 4.93 13.94
N VAL A 160 15.24 4.43 15.16
CA VAL A 160 14.88 3.05 15.38
C VAL A 160 13.48 3.03 16.04
N GLY A 161 12.47 2.53 15.32
CA GLY A 161 11.06 2.56 15.79
C GLY A 161 10.78 1.70 17.02
N ASP A 162 9.64 1.97 17.69
CA ASP A 162 9.19 1.17 18.86
C ASP A 162 9.03 -0.29 18.53
N TYR A 163 9.41 -1.16 19.48
CA TYR A 163 9.24 -2.61 19.40
C TYR A 163 9.88 -3.24 18.16
N SER A 164 10.93 -2.59 17.68
CA SER A 164 11.66 -3.11 16.55
C SER A 164 12.79 -3.99 17.05
N MET A 165 13.29 -4.87 16.19
CA MET A 165 14.49 -5.63 16.53
C MET A 165 15.54 -5.50 15.44
N VAL A 166 16.80 -5.40 15.86
CA VAL A 166 17.93 -5.48 14.94
C VAL A 166 18.81 -6.67 15.34
N ALA A 167 18.93 -7.68 14.46
CA ALA A 167 19.74 -8.90 14.75
C ALA A 167 21.25 -8.64 14.84
N GLY A 168 22.02 -9.58 15.44
CA GLY A 168 23.51 -9.54 15.53
C GLY A 168 23.89 -9.03 14.17
N LEU A 169 24.83 -8.10 14.24
CA LEU A 169 25.93 -7.97 13.33
C LEU A 169 25.42 -7.18 12.19
N ALA A 170 24.25 -6.64 12.40
CA ALA A 170 23.61 -5.90 11.29
C ALA A 170 24.22 -4.52 11.16
N LYS A 171 24.45 -4.11 9.92
CA LYS A 171 24.91 -2.77 9.60
C LYS A 171 23.71 -1.89 9.24
N VAL A 172 23.33 -1.00 10.15
CA VAL A 172 22.15 -0.17 9.98
C VAL A 172 22.56 1.18 9.42
N VAL A 173 22.02 1.49 8.24
CA VAL A 173 22.37 2.73 7.56
C VAL A 173 21.13 3.60 7.32
N GLN A 174 19.93 3.01 7.41
CA GLN A 174 18.69 3.79 7.35
C GLN A 174 17.79 3.42 8.52
N ASP A 175 16.60 4.02 8.59
CA ASP A 175 15.74 3.83 9.75
C ASP A 175 15.29 2.38 9.87
N VAL A 176 15.14 1.94 11.12
CA VAL A 176 14.52 0.68 11.46
C VAL A 176 13.05 0.97 11.78
N PRO A 177 12.11 0.48 10.92
CA PRO A 177 10.68 0.82 11.08
C PRO A 177 10.04 0.17 12.31
N PRO A 178 8.98 0.78 12.87
CA PRO A 178 8.32 0.27 14.07
C PRO A 178 7.83 -1.17 13.89
N TYR A 179 7.91 -1.96 14.96
CA TYR A 179 7.37 -3.33 15.01
C TYR A 179 8.04 -4.29 14.02
N SER A 180 9.22 -3.93 13.52
CA SER A 180 9.86 -4.65 12.42
C SER A 180 11.21 -5.24 12.83
N THR A 181 11.68 -6.24 12.08
CA THR A 181 12.97 -6.85 12.35
C THR A 181 13.91 -6.57 11.18
N VAL A 182 15.11 -6.11 11.52
CA VAL A 182 16.10 -5.71 10.53
C VAL A 182 17.35 -6.57 10.73
N ASP A 183 17.98 -6.97 9.63
CA ASP A 183 19.10 -7.90 9.70
C ASP A 183 20.02 -7.82 8.48
N GLY A 184 21.33 -7.92 8.74
CA GLY A 184 22.29 -8.18 7.68
C GLY A 184 23.29 -7.09 7.39
N ASN A 185 24.13 -7.39 6.40
CA ASN A 185 25.08 -6.44 5.85
C ASN A 185 25.20 -6.75 4.34
N PRO A 186 24.49 -5.98 3.48
CA PRO A 186 23.67 -4.82 3.81
C PRO A 186 22.39 -5.28 4.51
N SER A 187 21.93 -4.49 5.47
CA SER A 187 20.73 -4.89 6.22
C SER A 187 19.42 -4.62 5.47
N THR A 188 18.42 -5.42 5.79
CA THR A 188 17.09 -5.27 5.20
C THR A 188 16.05 -5.47 6.26
N VAL A 189 14.85 -4.99 6.00
CA VAL A 189 13.73 -5.38 6.84
C VAL A 189 13.35 -6.80 6.46
N VAL A 190 13.37 -7.68 7.45
CA VAL A 190 13.11 -9.10 7.28
C VAL A 190 11.60 -9.33 7.33
N GLY A 191 10.92 -8.62 8.21
CA GLY A 191 9.52 -8.88 8.49
C GLY A 191 9.13 -8.23 9.80
N LEU A 192 8.03 -8.70 10.37
CA LEU A 192 7.54 -8.17 11.65
C LEU A 192 8.28 -8.73 12.85
N ASN A 193 8.48 -7.88 13.85
CA ASN A 193 8.97 -8.33 15.15
C ASN A 193 7.78 -8.86 15.96
N SER A 194 7.32 -10.04 15.57
CA SER A 194 6.15 -10.71 16.14
C SER A 194 6.44 -11.13 17.57
N VAL A 195 7.60 -11.72 17.78
CA VAL A 195 8.02 -12.15 19.12
C VAL A 195 7.93 -10.98 20.11
N GLY A 196 8.44 -9.81 19.70
CA GLY A 196 8.41 -8.61 20.52
C GLY A 196 7.03 -8.06 20.78
N MET A 197 6.17 -8.07 19.75
CA MET A 197 4.79 -7.62 19.92
C MET A 197 3.99 -8.56 20.83
N LYS A 198 4.19 -9.86 20.69
CA LYS A 198 3.52 -10.84 21.56
C LYS A 198 4.00 -10.70 23.01
N ARG A 199 5.31 -10.68 23.20
CA ARG A 199 5.94 -10.45 24.49
C ARG A 199 5.36 -9.20 25.16
N ALA A 200 5.16 -8.15 24.38
CA ALA A 200 4.61 -6.90 24.87
C ALA A 200 3.09 -6.98 25.12
N GLY A 201 2.49 -8.14 24.81
CA GLY A 201 1.06 -8.35 25.01
C GLY A 201 0.12 -7.63 24.06
N PHE A 202 0.61 -7.29 22.86
CA PHE A 202 -0.26 -6.73 21.81
C PHE A 202 -1.36 -7.75 21.52
N SER A 203 -2.60 -7.29 21.41
CA SER A 203 -3.69 -8.17 20.98
C SER A 203 -3.42 -8.63 19.55
N PRO A 204 -3.89 -9.85 19.20
CA PRO A 204 -3.87 -10.31 17.81
C PRO A 204 -4.46 -9.33 16.77
N GLU A 205 -5.47 -8.56 17.19
CA GLU A 205 -6.11 -7.55 16.33
C GLU A 205 -5.16 -6.41 15.94
N VAL A 206 -4.40 -5.93 16.91
CA VAL A 206 -3.42 -4.86 16.71
C VAL A 206 -2.25 -5.39 15.90
N ARG A 207 -1.75 -6.56 16.28
CA ARG A 207 -0.67 -7.22 15.54
C ARG A 207 -1.06 -7.48 14.09
N ASN A 208 -2.32 -7.87 13.87
CA ASN A 208 -2.81 -8.07 12.49
C ASN A 208 -2.97 -6.77 11.70
N ALA A 209 -3.38 -5.71 12.38
CA ALA A 209 -3.46 -4.40 11.73
C ALA A 209 -2.07 -3.89 11.38
N ILE A 210 -1.09 -4.16 12.25
CA ILE A 210 0.30 -3.82 11.95
C ILE A 210 0.77 -4.65 10.76
N LYS A 211 0.39 -5.93 10.75
CA LYS A 211 0.68 -6.82 9.61
C LYS A 211 0.08 -6.36 8.28
N HIS A 212 -1.20 -5.95 8.33
CA HIS A 212 -1.87 -5.40 7.16
C HIS A 212 -1.23 -4.10 6.68
N ALA A 213 -0.89 -3.21 7.62
CA ALA A 213 -0.20 -1.97 7.25
C ALA A 213 1.08 -2.25 6.44
N TYR A 214 1.93 -3.15 6.94
CA TYR A 214 3.14 -3.52 6.21
C TYR A 214 2.90 -4.38 4.96
N LYS A 215 1.79 -5.10 4.91
CA LYS A 215 1.45 -5.84 3.69
C LYS A 215 1.24 -4.85 2.57
N VAL A 216 0.46 -3.81 2.83
CA VAL A 216 0.24 -2.72 1.89
C VAL A 216 1.54 -2.06 1.48
N ILE A 217 2.34 -1.64 2.48
CA ILE A 217 3.63 -0.97 2.26
C ILE A 217 4.63 -1.82 1.44
N TYR A 218 4.72 -3.10 1.79
CA TYR A 218 5.86 -3.90 1.37
C TYR A 218 5.51 -5.13 0.54
N HIS A 219 4.23 -5.45 0.43
CA HIS A 219 3.83 -6.74 -0.15
C HIS A 219 2.61 -6.64 -1.07
N SER A 220 2.42 -5.47 -1.67
CA SER A 220 1.29 -5.20 -2.57
C SER A 220 1.69 -4.66 -3.95
N GLY A 221 2.96 -4.79 -4.31
CA GLY A 221 3.47 -4.27 -5.59
C GLY A 221 3.20 -2.80 -5.90
N ILE A 222 3.24 -1.95 -4.89
CA ILE A 222 3.06 -0.51 -5.09
C ILE A 222 4.14 0.27 -4.34
N SER A 223 4.44 1.47 -4.81
CA SER A 223 5.47 2.30 -4.19
C SER A 223 5.09 2.65 -2.75
N THR A 224 6.10 2.96 -1.94
CA THR A 224 5.86 3.32 -0.55
C THR A 224 4.92 4.52 -0.46
N ARG A 225 5.13 5.51 -1.34
CA ARG A 225 4.31 6.74 -1.35
C ARG A 225 2.83 6.42 -1.57
N LYS A 226 2.56 5.58 -2.55
CA LYS A 226 1.21 5.14 -2.86
C LYS A 226 0.64 4.28 -1.72
N ALA A 227 1.49 3.45 -1.11
CA ALA A 227 1.07 2.56 -0.03
C ALA A 227 0.56 3.32 1.19
N LEU A 228 1.24 4.41 1.53
CA LEU A 228 0.89 5.23 2.68
C LEU A 228 -0.43 5.98 2.45
N ASP A 229 -0.61 6.47 1.22
CA ASP A 229 -1.85 7.12 0.79
C ASP A 229 -3.04 6.17 0.83
N GLU A 230 -2.82 4.92 0.40
CA GLU A 230 -3.85 3.90 0.42
C GLU A 230 -4.31 3.59 1.84
N LEU A 231 -3.34 3.51 2.76
CA LEU A 231 -3.63 3.22 4.15
C LEU A 231 -4.54 4.30 4.78
N GLU A 232 -4.23 5.56 4.48
CA GLU A 232 -4.97 6.70 5.01
C GLU A 232 -6.39 6.83 4.44
N ALA A 233 -6.50 6.71 3.12
CA ALA A 233 -7.79 6.68 2.44
C ALA A 233 -8.65 5.47 2.87
N SER A 234 -8.02 4.51 3.56
CA SER A 234 -8.72 3.31 4.02
C SER A 234 -9.71 3.60 5.15
N GLY A 235 -9.55 4.76 5.80
CA GLY A 235 -10.44 5.17 6.87
C GLY A 235 -9.71 5.32 8.19
N ASN A 236 -10.42 5.04 9.28
CA ASN A 236 -9.88 5.20 10.62
C ASN A 236 -8.90 4.08 10.97
N LEU A 237 -7.67 4.47 11.30
CA LEU A 237 -6.60 3.53 11.59
C LEU A 237 -6.27 3.57 13.08
N ILE A 238 -5.76 2.46 13.62
CA ILE A 238 -5.31 2.43 15.00
C ILE A 238 -4.04 3.30 15.12
N GLU A 239 -3.74 3.72 16.35
CA GLU A 239 -2.63 4.67 16.55
C GLU A 239 -1.25 4.09 16.20
N GLN A 240 -1.08 2.78 16.37
CA GLN A 240 0.14 2.09 15.96
C GLN A 240 0.38 2.27 14.47
N VAL A 241 -0.68 2.09 13.69
CA VAL A 241 -0.59 2.24 12.24
C VAL A 241 -0.38 3.69 11.84
N LYS A 242 -1.03 4.62 12.52
CA LYS A 242 -0.80 6.06 12.26
C LYS A 242 0.66 6.40 12.54
N TYR A 243 1.20 5.75 13.57
CA TYR A 243 2.59 5.90 13.97
C TYR A 243 3.53 5.38 12.87
N ILE A 244 3.19 4.22 12.31
CA ILE A 244 3.93 3.66 11.16
C ILE A 244 3.96 4.66 10.00
N ILE A 245 2.80 5.21 9.65
CA ILE A 245 2.69 6.17 8.56
C ILE A 245 3.54 7.43 8.81
N LYS A 246 3.37 8.04 9.98
CA LYS A 246 4.16 9.20 10.42
C LYS A 246 5.69 8.93 10.36
N PHE A 247 6.07 7.76 10.86
CA PHE A 247 7.47 7.34 10.91
C PHE A 247 8.09 7.34 9.51
N PHE A 248 7.37 6.78 8.54
CA PHE A 248 7.79 6.74 7.13
C PHE A 248 7.89 8.13 6.50
N ARG A 249 6.86 8.96 6.72
CA ARG A 249 6.85 10.35 6.19
C ARG A 249 7.91 11.28 6.79
N ASP A 250 8.14 11.20 8.10
CA ASP A 250 9.08 12.09 8.80
C ASP A 250 10.53 11.64 8.67
N SER A 251 10.75 10.48 8.07
CA SER A 251 12.08 9.89 7.99
C SER A 251 13.08 10.77 7.28
N ASP A 252 14.26 10.90 7.87
CA ASP A 252 15.28 11.80 7.32
C ASP A 252 16.18 11.10 6.30
N ARG A 253 16.73 9.95 6.69
CA ARG A 253 17.64 9.17 5.84
C ARG A 253 16.90 8.19 4.95
N GLY A 254 15.60 8.06 5.19
CA GLY A 254 14.78 7.04 4.54
C GLY A 254 14.75 5.82 5.42
N VAL A 255 13.99 4.81 5.00
CA VAL A 255 13.77 3.61 5.80
C VAL A 255 14.50 2.44 5.13
N THR A 256 15.11 1.57 5.93
CA THR A 256 15.82 0.38 5.45
C THR A 256 15.02 -0.36 4.39
N ASN A 257 15.72 -0.74 3.32
CA ASN A 257 15.16 -1.56 2.24
C ASN A 257 14.55 -2.82 2.81
N HIS A 258 13.41 -3.24 2.26
CA HIS A 258 12.84 -4.55 2.59
C HIS A 258 13.53 -5.70 1.85
N ARG A 259 13.65 -6.85 2.53
CA ARG A 259 14.25 -8.04 1.92
C ARG A 259 13.39 -8.64 0.78
N MET B 1 8.71 -6.58 -54.48
CA MET B 1 7.83 -7.73 -54.13
C MET B 1 8.52 -9.09 -54.23
N LYS B 2 8.20 -10.01 -53.34
CA LYS B 2 8.29 -11.44 -53.56
C LYS B 2 7.82 -12.28 -52.40
N ILE B 3 6.76 -12.99 -52.67
CA ILE B 3 6.10 -13.84 -51.72
C ILE B 3 6.33 -15.27 -52.19
N HIS B 4 7.03 -16.04 -51.36
CA HIS B 4 7.31 -17.44 -51.65
C HIS B 4 6.01 -18.24 -51.80
N PRO B 5 5.93 -19.10 -52.84
CA PRO B 5 4.73 -19.90 -53.10
C PRO B 5 4.26 -20.76 -51.93
N THR B 6 5.16 -21.09 -50.99
CA THR B 6 4.78 -21.91 -49.85
C THR B 6 4.21 -21.09 -48.68
N ALA B 7 4.29 -19.77 -48.78
CA ALA B 7 3.77 -18.89 -47.74
C ALA B 7 2.25 -18.93 -47.76
N ILE B 8 1.66 -18.96 -46.58
CA ILE B 8 0.21 -18.98 -46.42
C ILE B 8 -0.25 -17.61 -45.92
N ILE B 9 -0.85 -16.84 -46.83
CA ILE B 9 -1.25 -15.47 -46.53
C ILE B 9 -2.77 -15.33 -46.70
N ASP B 10 -3.44 -14.89 -45.65
CA ASP B 10 -4.89 -14.67 -45.70
C ASP B 10 -5.18 -13.62 -46.77
N PRO B 11 -6.15 -13.88 -47.67
CA PRO B 11 -6.49 -12.89 -48.72
C PRO B 11 -6.98 -11.55 -48.18
N LYS B 12 -7.35 -11.50 -46.90
CA LYS B 12 -7.78 -10.25 -46.26
C LYS B 12 -6.62 -9.43 -45.69
N ALA B 13 -5.47 -10.08 -45.46
CA ALA B 13 -4.27 -9.37 -45.00
C ALA B 13 -3.88 -8.25 -45.98
N GLU B 14 -3.56 -7.08 -45.44
CA GLU B 14 -3.21 -5.94 -46.28
C GLU B 14 -1.69 -5.75 -46.31
N LEU B 15 -1.07 -6.16 -47.41
CA LEU B 15 0.38 -6.03 -47.56
C LEU B 15 0.71 -5.05 -48.67
N HIS B 16 1.55 -4.07 -48.36
CA HIS B 16 2.09 -3.19 -49.39
C HIS B 16 2.81 -4.07 -50.41
N GLU B 17 2.81 -3.67 -51.68
CA GLU B 17 3.29 -4.59 -52.73
C GLU B 17 4.80 -4.92 -52.66
N SER B 18 5.58 -4.07 -51.98
CA SER B 18 7.01 -4.31 -51.80
C SER B 18 7.33 -5.36 -50.72
N VAL B 19 6.35 -5.69 -49.89
CA VAL B 19 6.54 -6.62 -48.77
C VAL B 19 7.08 -7.99 -49.24
N GLU B 20 8.16 -8.45 -48.61
CA GLU B 20 8.70 -9.77 -48.91
C GLU B 20 8.36 -10.73 -47.80
N VAL B 21 7.98 -11.94 -48.21
CA VAL B 21 7.54 -12.98 -47.29
C VAL B 21 8.18 -14.29 -47.73
N GLY B 22 8.86 -14.92 -46.78
CA GLY B 22 9.67 -16.09 -47.09
C GLY B 22 8.94 -17.40 -46.99
N PRO B 23 9.65 -18.51 -47.26
CA PRO B 23 9.08 -19.85 -47.26
C PRO B 23 8.42 -20.29 -45.97
N TYR B 24 7.22 -20.84 -46.10
CA TYR B 24 6.48 -21.46 -45.01
C TYR B 24 6.10 -20.47 -43.89
N SER B 25 6.09 -19.17 -44.22
CA SER B 25 5.58 -18.15 -43.30
C SER B 25 4.05 -18.09 -43.38
N ILE B 26 3.42 -17.72 -42.28
CA ILE B 26 1.97 -17.70 -42.15
C ILE B 26 1.55 -16.28 -41.75
N ILE B 27 0.59 -15.74 -42.49
CA ILE B 27 0.02 -14.43 -42.20
C ILE B 27 -1.50 -14.53 -42.16
N GLU B 28 -2.07 -14.10 -41.04
CA GLU B 28 -3.49 -14.25 -40.79
C GLU B 28 -4.24 -13.04 -41.29
N GLY B 29 -5.57 -13.04 -41.11
CA GLY B 29 -6.39 -11.90 -41.51
C GLY B 29 -6.31 -10.82 -40.45
N ASN B 30 -6.97 -9.68 -40.70
CA ASN B 30 -6.90 -8.50 -39.84
C ASN B 30 -5.44 -8.14 -39.54
N VAL B 31 -4.65 -8.14 -40.61
CA VAL B 31 -3.23 -7.85 -40.53
C VAL B 31 -2.92 -6.79 -41.59
N SER B 32 -2.12 -5.80 -41.20
CA SER B 32 -1.62 -4.82 -42.16
C SER B 32 -0.13 -4.71 -42.02
N ILE B 33 0.56 -4.66 -43.16
CA ILE B 33 2.01 -4.58 -43.22
C ILE B 33 2.39 -3.53 -44.27
N GLN B 34 3.12 -2.53 -43.82
CA GLN B 34 3.51 -1.42 -44.69
C GLN B 34 4.80 -1.67 -45.45
N GLU B 35 5.15 -0.70 -46.26
CA GLU B 35 6.18 -0.80 -47.28
C GLU B 35 7.60 -1.13 -46.81
N GLY B 36 8.26 -2.02 -47.54
CA GLY B 36 9.68 -2.32 -47.28
C GLY B 36 9.91 -3.27 -46.11
N THR B 37 8.85 -3.79 -45.52
CA THR B 37 8.98 -4.81 -44.48
C THR B 37 9.39 -6.14 -45.14
N ILE B 38 10.27 -6.88 -44.46
CA ILE B 38 10.75 -8.16 -44.96
C ILE B 38 10.55 -9.23 -43.91
N ILE B 39 9.89 -10.30 -44.35
CA ILE B 39 9.59 -11.45 -43.53
C ILE B 39 10.35 -12.64 -44.09
N GLU B 40 11.08 -13.34 -43.23
CA GLU B 40 11.89 -14.48 -43.64
C GLU B 40 11.06 -15.76 -43.66
N GLY B 41 11.68 -16.89 -43.39
CA GLY B 41 10.96 -18.17 -43.37
C GLY B 41 10.38 -18.54 -42.02
N HIS B 42 9.29 -19.30 -42.04
CA HIS B 42 8.65 -19.84 -40.81
C HIS B 42 8.17 -18.79 -39.80
N VAL B 43 7.91 -17.57 -40.27
CA VAL B 43 7.37 -16.50 -39.43
C VAL B 43 5.84 -16.58 -39.36
N LYS B 44 5.28 -16.26 -38.19
CA LYS B 44 3.84 -16.17 -38.04
C LYS B 44 3.45 -14.78 -37.60
N ILE B 45 2.60 -14.16 -38.41
CA ILE B 45 2.02 -12.85 -38.15
C ILE B 45 0.55 -13.11 -37.89
N CYS B 46 0.12 -12.83 -36.66
CA CYS B 46 -1.21 -13.19 -36.22
C CYS B 46 -2.18 -12.06 -36.43
N ALA B 47 -3.47 -12.39 -36.36
CA ALA B 47 -4.54 -11.42 -36.51
C ALA B 47 -4.39 -10.28 -35.52
N GLY B 48 -4.63 -9.05 -35.98
CA GLY B 48 -4.49 -7.87 -35.14
C GLY B 48 -3.17 -7.14 -35.29
N SER B 49 -2.26 -7.68 -36.10
CA SER B 49 -0.92 -7.10 -36.25
C SER B 49 -0.94 -5.97 -37.27
N GLU B 50 -0.46 -4.81 -36.84
CA GLU B 50 -0.34 -3.62 -37.69
C GLU B 50 1.12 -3.18 -37.69
N ILE B 51 1.78 -3.46 -38.79
CA ILE B 51 3.22 -3.37 -38.89
C ILE B 51 3.61 -2.28 -39.86
N GLY B 52 4.50 -1.41 -39.45
CA GLY B 52 4.92 -0.27 -40.25
C GLY B 52 5.95 -0.61 -41.30
N LYS B 53 6.82 0.36 -41.59
CA LYS B 53 7.71 0.27 -42.74
C LYS B 53 9.10 -0.22 -42.38
N PHE B 54 9.70 -0.94 -43.33
CA PHE B 54 11.12 -1.33 -43.27
C PHE B 54 11.53 -2.14 -42.02
N ASN B 55 10.61 -3.00 -41.57
CA ASN B 55 10.89 -3.95 -40.49
C ASN B 55 11.44 -5.22 -41.09
N ARG B 56 12.24 -5.94 -40.31
CA ARG B 56 12.67 -7.28 -40.72
C ARG B 56 12.30 -8.28 -39.64
N PHE B 57 11.67 -9.38 -40.07
CA PHE B 57 11.28 -10.47 -39.20
C PHE B 57 12.07 -11.72 -39.61
N HIS B 58 12.99 -12.13 -38.74
CA HIS B 58 13.87 -13.25 -39.05
C HIS B 58 13.17 -14.56 -38.84
N GLN B 59 13.80 -15.64 -39.31
CA GLN B 59 13.19 -16.96 -39.23
C GLN B 59 12.56 -17.29 -37.89
N GLY B 60 11.31 -17.73 -37.91
CA GLY B 60 10.64 -18.28 -36.71
C GLY B 60 10.11 -17.25 -35.72
N ALA B 61 10.31 -15.96 -35.99
CA ALA B 61 9.68 -14.93 -35.19
C ALA B 61 8.14 -15.13 -35.19
N VAL B 62 7.53 -14.99 -34.02
CA VAL B 62 6.07 -15.08 -33.94
C VAL B 62 5.52 -13.75 -33.40
N ILE B 63 4.53 -13.20 -34.11
CA ILE B 63 4.08 -11.83 -33.86
C ILE B 63 2.55 -11.79 -33.65
N GLY B 64 2.13 -11.25 -32.52
CA GLY B 64 0.70 -11.09 -32.26
C GLY B 64 0.06 -12.35 -31.73
N VAL B 65 0.89 -13.24 -31.18
CA VAL B 65 0.37 -14.48 -30.60
C VAL B 65 -0.43 -14.21 -29.31
N MET B 66 -1.29 -15.16 -28.94
CA MET B 66 -2.22 -14.99 -27.81
C MET B 66 -1.52 -14.58 -26.52
N PRO B 67 -2.11 -13.61 -25.77
CA PRO B 67 -1.64 -13.32 -24.42
C PRO B 67 -1.42 -14.58 -23.58
N GLN B 68 -0.29 -14.62 -22.88
CA GLN B 68 -0.06 -15.62 -21.87
C GLN B 68 -0.76 -15.10 -20.61
N ASP B 69 -2.08 -15.23 -20.64
CA ASP B 69 -3.02 -14.59 -19.73
C ASP B 69 -4.25 -15.52 -19.65
N LEU B 70 -4.39 -16.22 -18.51
CA LEU B 70 -5.37 -17.31 -18.38
C LEU B 70 -6.84 -16.92 -18.58
N GLY B 71 -7.20 -15.69 -18.23
CA GLY B 71 -8.56 -15.21 -18.44
C GLY B 71 -8.80 -14.32 -19.66
N PHE B 72 -7.82 -14.24 -20.56
CA PHE B 72 -7.99 -13.44 -21.78
C PHE B 72 -9.02 -14.06 -22.72
N ASN B 73 -10.00 -13.28 -23.18
CA ASN B 73 -10.98 -13.78 -24.13
C ASN B 73 -10.33 -13.84 -25.51
N GLN B 74 -9.99 -15.06 -25.92
CA GLN B 74 -9.28 -15.32 -27.16
C GLN B 74 -10.05 -15.00 -28.44
N GLN B 75 -11.29 -14.57 -28.30
CA GLN B 75 -12.11 -14.16 -29.44
C GLN B 75 -12.03 -12.66 -29.69
N LEU B 76 -11.40 -11.91 -28.81
CA LEU B 76 -11.28 -10.47 -29.00
C LEU B 76 -10.26 -10.18 -30.09
N LEU B 77 -10.56 -9.18 -30.90
CA LEU B 77 -9.60 -8.72 -31.88
C LEU B 77 -8.77 -7.64 -31.22
N THR B 78 -7.65 -8.07 -30.66
CA THR B 78 -6.71 -7.16 -30.01
C THR B 78 -5.48 -7.00 -30.89
N LYS B 79 -4.75 -5.92 -30.66
CA LYS B 79 -3.71 -5.51 -31.60
C LYS B 79 -2.26 -5.60 -31.12
N THR B 80 -1.37 -5.73 -32.10
CA THR B 80 0.06 -5.56 -31.92
C THR B 80 0.46 -4.43 -32.87
N VAL B 81 0.81 -3.28 -32.29
CA VAL B 81 1.20 -2.13 -33.08
C VAL B 81 2.71 -2.01 -33.18
N ILE B 82 3.25 -2.07 -34.40
CA ILE B 82 4.69 -2.00 -34.63
C ILE B 82 5.00 -0.86 -35.60
N GLY B 83 5.93 0.01 -35.22
CA GLY B 83 6.32 1.13 -36.05
C GLY B 83 7.29 0.74 -37.17
N ASP B 84 8.34 1.54 -37.36
CA ASP B 84 9.22 1.40 -38.51
C ASP B 84 10.64 1.00 -38.15
N HIS B 85 11.29 0.29 -39.05
CA HIS B 85 12.73 -0.02 -38.95
C HIS B 85 13.09 -0.84 -37.69
N ASN B 86 12.15 -1.66 -37.22
CA ASN B 86 12.43 -2.60 -36.14
C ASN B 86 13.02 -3.89 -36.68
N ILE B 87 13.84 -4.56 -35.87
CA ILE B 87 14.37 -5.86 -36.23
C ILE B 87 13.96 -6.90 -35.21
N PHE B 88 13.33 -7.97 -35.71
CA PHE B 88 12.92 -9.08 -34.88
C PHE B 88 13.70 -10.34 -35.29
N ARG B 89 14.61 -10.76 -34.42
CA ARG B 89 15.48 -11.90 -34.68
C ARG B 89 14.77 -13.23 -34.53
N GLU B 90 15.50 -14.30 -34.77
CA GLU B 90 14.99 -15.65 -34.86
C GLU B 90 14.28 -16.08 -33.59
N TYR B 91 13.05 -16.55 -33.75
CA TYR B 91 12.23 -17.07 -32.66
C TYR B 91 11.87 -16.05 -31.59
N SER B 92 12.10 -14.76 -31.87
CA SER B 92 11.53 -13.70 -31.02
C SER B 92 9.99 -13.85 -30.99
N ASN B 93 9.38 -13.37 -29.92
N ASN B 93 9.38 -13.44 -29.89
CA ASN B 93 8.00 -13.71 -29.55
CA ASN B 93 7.96 -13.69 -29.71
C ASN B 93 7.30 -12.47 -29.01
C ASN B 93 7.25 -12.54 -29.03
N ILE B 94 6.40 -11.89 -29.83
CA ILE B 94 5.73 -10.66 -29.45
C ILE B 94 4.25 -10.99 -29.32
N HIS B 95 3.69 -10.65 -28.16
CA HIS B 95 2.29 -10.98 -27.87
C HIS B 95 1.42 -9.77 -28.03
N LYS B 96 0.17 -9.98 -28.43
CA LYS B 96 -0.78 -8.88 -28.62
C LYS B 96 -1.40 -8.44 -27.28
N GLY B 97 -2.17 -7.34 -27.33
CA GLY B 97 -2.78 -6.76 -26.13
C GLY B 97 -3.96 -7.59 -25.65
N THR B 98 -4.50 -7.21 -24.49
CA THR B 98 -5.58 -8.00 -23.86
C THR B 98 -6.97 -7.32 -23.94
N LYS B 99 -7.00 -6.10 -24.45
CA LYS B 99 -8.25 -5.38 -24.64
C LYS B 99 -8.26 -4.76 -26.02
N GLU B 100 -9.46 -4.54 -26.55
CA GLU B 100 -9.60 -4.00 -27.91
C GLU B 100 -9.10 -2.56 -28.02
N ASP B 101 -8.92 -1.92 -26.87
CA ASP B 101 -8.34 -0.57 -26.81
C ASP B 101 -7.00 -0.54 -26.06
N SER B 102 -6.45 -1.73 -25.79
CA SER B 102 -5.14 -1.88 -25.14
C SER B 102 -4.28 -2.83 -25.97
N PRO B 103 -3.55 -2.30 -26.96
CA PRO B 103 -2.62 -3.08 -27.76
C PRO B 103 -1.24 -3.25 -27.14
N THR B 104 -0.45 -4.17 -27.69
CA THR B 104 0.99 -4.13 -27.48
C THR B 104 1.51 -3.15 -28.49
N VAL B 105 2.44 -2.32 -28.05
CA VAL B 105 2.92 -1.25 -28.91
C VAL B 105 4.43 -1.19 -28.91
N ILE B 106 4.99 -1.18 -30.11
CA ILE B 106 6.40 -0.99 -30.32
C ILE B 106 6.57 0.16 -31.30
N GLY B 107 7.49 1.08 -30.98
CA GLY B 107 7.80 2.21 -31.85
C GLY B 107 8.75 1.89 -32.98
N ASN B 108 9.78 2.72 -33.13
CA ASN B 108 10.74 2.66 -34.25
C ASN B 108 12.14 2.26 -33.85
N LYS B 109 12.84 1.58 -34.75
CA LYS B 109 14.28 1.29 -34.64
C LYS B 109 14.69 0.52 -33.37
N ASN B 110 13.79 -0.35 -32.92
CA ASN B 110 14.07 -1.32 -31.86
C ASN B 110 14.66 -2.60 -32.41
N TYR B 111 15.41 -3.30 -31.57
CA TYR B 111 16.12 -4.49 -31.96
C TYR B 111 15.77 -5.59 -30.97
N PHE B 112 15.12 -6.66 -31.46
CA PHE B 112 14.74 -7.79 -30.61
C PHE B 112 15.60 -9.01 -30.97
N MET B 113 16.54 -9.35 -30.10
CA MET B 113 17.45 -10.45 -30.38
C MET B 113 16.75 -11.82 -30.31
N GLY B 114 17.46 -12.85 -30.72
CA GLY B 114 16.89 -14.18 -30.82
C GLY B 114 16.21 -14.57 -29.52
N ASN B 115 15.07 -15.22 -29.64
CA ASN B 115 14.33 -15.73 -28.50
C ASN B 115 13.91 -14.70 -27.43
N SER B 116 13.95 -13.43 -27.74
CA SER B 116 13.48 -12.41 -26.82
C SER B 116 11.96 -12.38 -26.83
N HIS B 117 11.38 -12.00 -25.68
CA HIS B 117 9.93 -12.06 -25.51
C HIS B 117 9.32 -10.76 -25.05
N VAL B 118 8.22 -10.36 -25.68
CA VAL B 118 7.49 -9.15 -25.25
C VAL B 118 6.08 -9.54 -24.89
N GLY B 119 5.74 -9.42 -23.61
CA GLY B 119 4.45 -9.87 -23.12
C GLY B 119 3.29 -8.96 -23.52
N HIS B 120 2.08 -9.44 -23.30
CA HIS B 120 0.88 -8.66 -23.65
C HIS B 120 0.87 -7.28 -23.03
N ASP B 121 0.45 -6.29 -23.83
CA ASP B 121 0.21 -4.92 -23.35
C ASP B 121 1.48 -4.16 -23.01
N CYS B 122 2.62 -4.68 -23.44
CA CYS B 122 3.84 -3.91 -23.32
C CYS B 122 3.77 -2.68 -24.21
N ILE B 123 4.42 -1.61 -23.75
CA ILE B 123 4.54 -0.37 -24.53
C ILE B 123 6.03 -0.07 -24.62
N LEU B 124 6.60 -0.16 -25.81
CA LEU B 124 8.02 0.18 -26.04
C LEU B 124 8.12 1.41 -26.96
N GLY B 125 8.98 2.36 -26.61
CA GLY B 125 9.27 3.50 -27.47
C GLY B 125 10.21 3.17 -28.60
N ASN B 126 11.25 3.98 -28.77
CA ASN B 126 12.18 3.85 -29.90
C ASN B 126 13.60 3.53 -29.50
N ASN B 127 14.32 2.87 -30.41
CA ASN B 127 15.76 2.66 -30.30
C ASN B 127 16.20 1.78 -29.12
N ASN B 128 15.26 0.98 -28.62
CA ASN B 128 15.51 0.04 -27.55
C ASN B 128 16.14 -1.25 -28.06
N ILE B 129 16.94 -1.91 -27.22
CA ILE B 129 17.50 -3.20 -27.54
C ILE B 129 17.04 -4.23 -26.51
N LEU B 130 16.41 -5.31 -26.97
CA LEU B 130 16.07 -6.42 -26.09
C LEU B 130 16.97 -7.58 -26.46
N THR B 131 17.92 -7.87 -25.57
CA THR B 131 18.99 -8.82 -25.87
C THR B 131 18.52 -10.28 -25.76
N HIS B 132 19.38 -11.19 -26.23
CA HIS B 132 19.05 -12.59 -26.42
C HIS B 132 18.40 -13.26 -25.21
N GLY B 133 17.24 -13.86 -25.45
CA GLY B 133 16.47 -14.59 -24.44
C GLY B 133 15.92 -13.76 -23.28
N ALA B 134 15.95 -12.44 -23.42
CA ALA B 134 15.38 -11.58 -22.37
C ALA B 134 13.85 -11.66 -22.45
N VAL B 135 13.20 -11.52 -21.29
CA VAL B 135 11.74 -11.64 -21.23
C VAL B 135 11.11 -10.47 -20.48
N LEU B 136 10.14 -9.83 -21.12
CA LEU B 136 9.36 -8.82 -20.44
C LEU B 136 8.00 -9.41 -20.18
N ALA B 137 7.51 -9.27 -18.95
CA ALA B 137 6.18 -9.73 -18.62
C ALA B 137 5.18 -8.79 -19.29
N GLY B 138 3.89 -9.08 -19.17
CA GLY B 138 2.88 -8.18 -19.71
C GLY B 138 2.99 -6.83 -19.02
N HIS B 139 2.46 -5.79 -19.65
CA HIS B 139 2.41 -4.47 -19.04
C HIS B 139 3.77 -3.90 -18.60
N VAL B 140 4.83 -4.20 -19.33
CA VAL B 140 6.12 -3.55 -19.14
C VAL B 140 6.27 -2.40 -20.13
N THR B 141 6.75 -1.26 -19.64
CA THR B 141 6.92 -0.07 -20.45
C THR B 141 8.41 0.28 -20.53
N LEU B 142 8.91 0.40 -21.76
CA LEU B 142 10.22 0.97 -22.02
C LEU B 142 10.03 2.33 -22.68
N GLY B 143 10.91 3.29 -22.34
CA GLY B 143 10.94 4.59 -23.01
C GLY B 143 11.79 4.49 -24.27
N ASN B 144 12.83 5.31 -24.36
CA ASN B 144 13.71 5.30 -25.53
C ASN B 144 15.13 4.94 -25.20
N PHE B 145 15.82 4.27 -26.13
CA PHE B 145 17.25 3.97 -25.98
C PHE B 145 17.59 3.19 -24.70
N ALA B 146 16.63 2.40 -24.20
CA ALA B 146 16.92 1.46 -23.11
C ALA B 146 17.61 0.21 -23.68
N PHE B 147 18.63 -0.27 -22.96
CA PHE B 147 19.29 -1.50 -23.30
C PHE B 147 19.03 -2.60 -22.25
N ILE B 148 18.40 -3.69 -22.67
CA ILE B 148 18.12 -4.80 -21.76
C ILE B 148 19.02 -5.93 -22.22
N SER B 149 19.91 -6.37 -21.33
CA SER B 149 20.87 -7.40 -21.72
C SER B 149 20.26 -8.80 -21.65
N GLY B 150 21.11 -9.80 -21.89
CA GLY B 150 20.70 -11.20 -22.06
C GLY B 150 20.05 -11.86 -20.86
N LEU B 151 19.00 -12.63 -21.11
CA LEU B 151 18.33 -13.42 -20.08
C LEU B 151 17.82 -12.63 -18.85
N VAL B 152 17.51 -11.36 -19.09
CA VAL B 152 16.87 -10.51 -18.13
C VAL B 152 15.38 -10.86 -18.07
N ALA B 153 14.81 -10.83 -16.87
CA ALA B 153 13.38 -10.95 -16.63
C ALA B 153 12.88 -9.66 -15.99
N VAL B 154 11.86 -9.07 -16.61
CA VAL B 154 11.26 -7.83 -16.09
C VAL B 154 9.81 -8.08 -15.69
N HIS B 155 9.51 -7.70 -14.46
CA HIS B 155 8.20 -7.97 -13.83
C HIS B 155 7.12 -7.09 -14.44
N GLN B 156 5.89 -7.59 -14.52
CA GLN B 156 4.73 -6.78 -14.95
C GLN B 156 4.70 -5.45 -14.22
N PHE B 157 4.28 -4.40 -14.94
CA PHE B 157 4.01 -3.04 -14.41
C PHE B 157 5.23 -2.19 -14.07
N CYS B 158 6.41 -2.67 -14.44
CA CYS B 158 7.65 -1.90 -14.32
C CYS B 158 7.83 -0.95 -15.50
N PHE B 159 8.44 0.19 -15.21
CA PHE B 159 8.89 1.13 -16.22
C PHE B 159 10.40 1.06 -16.29
N VAL B 160 10.93 1.14 -17.50
CA VAL B 160 12.37 1.19 -17.74
C VAL B 160 12.58 2.53 -18.45
N GLY B 161 13.36 3.42 -17.83
CA GLY B 161 13.54 4.79 -18.33
C GLY B 161 14.45 4.94 -19.54
N ASP B 162 14.49 6.14 -20.11
CA ASP B 162 15.33 6.41 -21.28
C ASP B 162 16.79 6.15 -20.92
N TYR B 163 17.54 5.65 -21.90
CA TYR B 163 19.00 5.51 -21.80
C TYR B 163 19.51 4.70 -20.62
N SER B 164 18.67 3.78 -20.13
CA SER B 164 19.07 2.92 -19.04
C SER B 164 19.63 1.59 -19.58
N MET B 165 20.38 0.89 -18.72
CA MET B 165 20.87 -0.44 -19.01
C MET B 165 20.45 -1.40 -17.93
N VAL B 166 20.07 -2.61 -18.33
CA VAL B 166 19.85 -3.71 -17.40
C VAL B 166 20.86 -4.77 -17.83
N ALA B 167 21.82 -5.06 -16.95
CA ALA B 167 22.85 -6.06 -17.22
C ALA B 167 22.30 -7.49 -17.25
N GLY B 168 23.05 -8.39 -17.88
CA GLY B 168 22.64 -9.78 -18.12
C GLY B 168 22.17 -10.50 -16.87
N LEU B 169 21.07 -11.26 -17.01
CA LEU B 169 20.56 -12.13 -15.95
C LEU B 169 20.02 -11.43 -14.70
N ALA B 170 19.71 -10.14 -14.83
CA ALA B 170 19.11 -9.36 -13.74
C ALA B 170 17.61 -9.62 -13.64
N LYS B 171 17.14 -9.64 -12.40
CA LYS B 171 15.75 -9.85 -12.12
C LYS B 171 15.12 -8.52 -11.71
N VAL B 172 14.28 -7.97 -12.58
CA VAL B 172 13.74 -6.64 -12.37
C VAL B 172 12.31 -6.71 -11.84
N VAL B 173 12.15 -6.16 -10.64
CA VAL B 173 10.87 -6.22 -9.92
C VAL B 173 10.30 -4.82 -9.66
N GLN B 174 11.13 -3.79 -9.83
CA GLN B 174 10.72 -2.38 -9.67
C GLN B 174 11.27 -1.56 -10.83
N ASP B 175 10.94 -0.27 -10.92
CA ASP B 175 11.35 0.52 -12.08
C ASP B 175 12.87 0.61 -12.22
N VAL B 176 13.31 0.72 -13.46
CA VAL B 176 14.69 1.01 -13.79
C VAL B 176 14.73 2.49 -14.14
N PRO B 177 15.42 3.30 -13.31
CA PRO B 177 15.38 4.76 -13.52
C PRO B 177 16.19 5.28 -14.73
N PRO B 178 15.81 6.46 -15.24
CA PRO B 178 16.47 7.01 -16.43
C PRO B 178 17.98 7.09 -16.22
N TYR B 179 18.74 6.88 -17.30
CA TYR B 179 20.19 7.13 -17.31
C TYR B 179 21.00 6.18 -16.39
N SER B 180 20.35 5.13 -15.90
CA SER B 180 20.96 4.25 -14.89
C SER B 180 21.21 2.82 -15.34
N THR B 181 22.00 2.11 -14.53
CA THR B 181 22.32 0.71 -14.73
C THR B 181 21.82 -0.08 -13.54
N VAL B 182 21.05 -1.13 -13.85
CA VAL B 182 20.53 -2.07 -12.88
C VAL B 182 21.14 -3.45 -13.16
N ASP B 183 21.46 -4.17 -12.09
CA ASP B 183 22.13 -5.46 -12.19
C ASP B 183 21.84 -6.29 -10.94
N GLY B 184 21.67 -7.60 -11.14
CA GLY B 184 21.71 -8.58 -10.05
C GLY B 184 20.43 -9.34 -9.80
N ASN B 185 20.48 -10.20 -8.79
CA ASN B 185 19.32 -10.94 -8.29
C ASN B 185 19.54 -11.24 -6.78
N PRO B 186 18.98 -10.40 -5.88
CA PRO B 186 18.07 -9.29 -6.20
C PRO B 186 18.79 -8.17 -6.93
N SER B 187 18.09 -7.51 -7.85
CA SER B 187 18.72 -6.43 -8.62
C SER B 187 18.76 -5.10 -7.86
N THR B 188 19.75 -4.28 -8.20
CA THR B 188 19.91 -2.93 -7.62
C THR B 188 20.36 -1.94 -8.69
N VAL B 189 20.14 -0.65 -8.44
CA VAL B 189 20.79 0.43 -9.20
C VAL B 189 22.30 0.51 -8.84
N VAL B 190 23.13 0.26 -9.84
CA VAL B 190 24.59 0.16 -9.70
C VAL B 190 25.25 1.54 -9.78
N GLY B 191 24.66 2.41 -10.59
CA GLY B 191 25.23 3.71 -10.86
C GLY B 191 24.64 4.25 -12.16
N LEU B 192 25.30 5.26 -12.70
CA LEU B 192 24.88 5.92 -13.94
C LEU B 192 25.24 5.05 -15.13
N ASN B 193 24.37 5.03 -16.13
CA ASN B 193 24.70 4.41 -17.41
C ASN B 193 25.48 5.40 -18.29
N SER B 194 26.77 5.52 -18.00
CA SER B 194 27.62 6.52 -18.67
C SER B 194 27.87 6.20 -20.14
N VAL B 195 28.05 4.92 -20.47
CA VAL B 195 28.21 4.47 -21.86
C VAL B 195 26.99 4.85 -22.72
N GLY B 196 25.79 4.59 -22.19
CA GLY B 196 24.55 4.99 -22.85
C GLY B 196 24.42 6.49 -23.00
N MET B 197 25.01 7.23 -22.06
CA MET B 197 25.02 8.68 -22.12
C MET B 197 26.12 9.24 -23.03
N LYS B 198 27.27 8.57 -23.05
CA LYS B 198 28.39 8.94 -23.94
C LYS B 198 28.14 8.63 -25.40
N ARG B 199 27.60 7.44 -25.66
CA ARG B 199 27.26 7.00 -27.01
C ARG B 199 26.22 7.90 -27.66
N ALA B 200 25.23 8.31 -26.87
CA ALA B 200 24.25 9.30 -27.32
C ALA B 200 24.90 10.68 -27.47
N GLY B 201 25.90 10.95 -26.63
CA GLY B 201 26.55 12.27 -26.57
C GLY B 201 25.60 13.33 -26.04
N PHE B 202 25.52 13.44 -24.71
CA PHE B 202 24.74 14.49 -24.05
C PHE B 202 25.62 15.69 -23.68
N SER B 203 24.97 16.82 -23.36
CA SER B 203 25.66 18.04 -22.95
C SER B 203 26.25 17.93 -21.53
N PRO B 204 27.42 18.56 -21.27
CA PRO B 204 28.03 18.52 -19.92
C PRO B 204 27.14 19.18 -18.86
N GLU B 205 26.45 20.24 -19.26
CA GLU B 205 25.41 20.87 -18.45
C GLU B 205 24.38 19.83 -18.02
N VAL B 206 23.90 19.06 -19.01
CA VAL B 206 22.85 18.06 -18.84
C VAL B 206 23.34 16.84 -18.04
N ARG B 207 24.54 16.37 -18.37
CA ARG B 207 25.15 15.23 -17.71
C ARG B 207 25.37 15.45 -16.21
N ASN B 208 25.94 16.61 -15.87
CA ASN B 208 26.22 16.96 -14.49
C ASN B 208 24.98 17.23 -13.68
N ALA B 209 23.92 17.68 -14.34
CA ALA B 209 22.62 17.87 -13.70
C ALA B 209 21.97 16.52 -13.43
N ILE B 210 22.19 15.56 -14.34
CA ILE B 210 21.76 14.16 -14.14
C ILE B 210 22.58 13.49 -13.03
N LYS B 211 23.91 13.59 -13.11
CA LYS B 211 24.79 13.09 -12.05
C LYS B 211 24.44 13.71 -10.68
N HIS B 212 24.23 15.03 -10.66
CA HIS B 212 23.88 15.74 -9.44
C HIS B 212 22.56 15.25 -8.90
N ALA B 213 21.57 15.10 -9.79
CA ALA B 213 20.26 14.58 -9.39
C ALA B 213 20.39 13.24 -8.67
N TYR B 214 21.20 12.31 -9.21
CA TYR B 214 21.33 10.99 -8.58
C TYR B 214 22.23 11.00 -7.33
N LYS B 215 23.12 12.00 -7.25
CA LYS B 215 23.93 12.25 -6.05
C LYS B 215 23.01 12.59 -4.90
N VAL B 216 22.04 13.47 -5.20
CA VAL B 216 21.00 13.88 -4.25
C VAL B 216 20.05 12.72 -3.89
N ILE B 217 19.54 12.00 -4.90
CA ILE B 217 18.64 10.87 -4.66
C ILE B 217 19.31 9.75 -3.86
N TYR B 218 20.54 9.40 -4.24
CA TYR B 218 21.14 8.17 -3.76
C TYR B 218 22.38 8.33 -2.88
N HIS B 219 23.03 9.49 -2.91
CA HIS B 219 24.34 9.63 -2.25
C HIS B 219 24.46 10.79 -1.28
N SER B 220 23.32 11.26 -0.78
CA SER B 220 23.25 12.42 0.12
C SER B 220 22.71 12.06 1.52
N GLY B 221 22.47 10.78 1.77
CA GLY B 221 21.95 10.32 3.07
C GLY B 221 20.58 10.84 3.45
N ILE B 222 19.74 11.13 2.46
CA ILE B 222 18.37 11.57 2.69
C ILE B 222 17.34 10.63 2.04
N SER B 223 16.12 10.63 2.56
CA SER B 223 15.03 9.88 1.95
C SER B 223 14.76 10.37 0.51
N THR B 224 14.25 9.46 -0.33
CA THR B 224 13.83 9.77 -1.69
C THR B 224 12.82 10.95 -1.74
N ARG B 225 11.88 10.98 -0.80
CA ARG B 225 10.90 12.07 -0.65
C ARG B 225 11.57 13.43 -0.53
N LYS B 226 12.55 13.50 0.38
CA LYS B 226 13.28 14.72 0.64
C LYS B 226 14.15 15.07 -0.56
N ALA B 227 14.82 14.06 -1.11
CA ALA B 227 15.71 14.22 -2.27
C ALA B 227 15.00 14.86 -3.48
N LEU B 228 13.80 14.37 -3.79
CA LEU B 228 12.98 14.88 -4.89
C LEU B 228 12.59 16.36 -4.69
N ASP B 229 11.96 16.67 -3.55
CA ASP B 229 11.68 18.07 -3.17
C ASP B 229 12.91 18.96 -3.35
N GLU B 230 14.07 18.51 -2.87
CA GLU B 230 15.33 19.26 -3.01
C GLU B 230 15.76 19.55 -4.44
N LEU B 231 15.37 18.67 -5.37
CA LEU B 231 15.74 18.82 -6.77
C LEU B 231 14.79 19.68 -7.60
N GLU B 232 13.51 19.75 -7.21
CA GLU B 232 12.45 20.34 -8.03
C GLU B 232 12.80 21.70 -8.63
N ALA B 233 13.54 22.52 -7.88
CA ALA B 233 14.16 23.71 -8.44
C ALA B 233 15.56 23.89 -7.86
N SER B 234 16.56 23.75 -8.74
CA SER B 234 17.96 23.85 -8.39
C SER B 234 18.59 24.96 -9.24
N GLY B 235 17.78 25.99 -9.52
CA GLY B 235 18.12 27.08 -10.43
C GLY B 235 17.27 26.98 -11.67
N ASN B 236 17.91 27.06 -12.85
CA ASN B 236 17.27 26.73 -14.13
C ASN B 236 17.44 25.23 -14.34
N LEU B 237 16.35 24.50 -14.11
CA LEU B 237 16.35 23.05 -14.10
C LEU B 237 16.15 22.49 -15.51
N ILE B 238 16.96 21.50 -15.84
CA ILE B 238 16.92 20.91 -17.17
C ILE B 238 15.77 19.90 -17.33
N GLU B 239 15.36 19.67 -18.58
CA GLU B 239 14.26 18.76 -18.90
C GLU B 239 14.50 17.33 -18.40
N GLN B 240 15.75 16.89 -18.47
CA GLN B 240 16.15 15.53 -18.08
C GLN B 240 16.00 15.30 -16.58
N VAL B 241 16.11 16.38 -15.80
CA VAL B 241 15.97 16.30 -14.34
C VAL B 241 14.49 16.35 -13.95
N LYS B 242 13.71 17.22 -14.59
CA LYS B 242 12.25 17.20 -14.41
C LYS B 242 11.71 15.80 -14.71
N TYR B 243 12.29 15.16 -15.72
CA TYR B 243 11.92 13.80 -16.14
C TYR B 243 12.20 12.75 -15.05
N ILE B 244 13.43 12.75 -14.52
CA ILE B 244 13.82 11.89 -13.38
C ILE B 244 12.85 12.04 -12.20
N ILE B 245 12.64 13.29 -11.78
CA ILE B 245 11.74 13.59 -10.67
C ILE B 245 10.36 13.01 -10.93
N LYS B 246 9.81 13.29 -12.12
CA LYS B 246 8.48 12.80 -12.50
C LYS B 246 8.42 11.28 -12.51
N PHE B 247 9.48 10.65 -13.06
CA PHE B 247 9.60 9.17 -13.14
C PHE B 247 9.53 8.53 -11.76
N PHE B 248 10.30 9.08 -10.83
CA PHE B 248 10.26 8.66 -9.42
C PHE B 248 8.91 8.94 -8.74
N ARG B 249 8.40 10.17 -8.94
CA ARG B 249 7.10 10.57 -8.37
C ARG B 249 5.92 9.72 -8.82
N ASP B 250 5.88 9.38 -10.11
CA ASP B 250 4.74 8.69 -10.72
C ASP B 250 4.82 7.18 -10.73
N SER B 251 5.93 6.63 -10.24
CA SER B 251 6.15 5.18 -10.22
C SER B 251 5.03 4.46 -9.52
N ASP B 252 4.56 3.38 -10.13
CA ASP B 252 3.48 2.58 -9.59
C ASP B 252 4.04 1.55 -8.62
N ARG B 253 5.16 0.93 -8.99
CA ARG B 253 5.73 -0.18 -8.22
C ARG B 253 6.83 0.30 -7.28
N GLY B 254 7.25 1.56 -7.48
CA GLY B 254 8.47 2.06 -6.87
C GLY B 254 9.67 1.81 -7.77
N VAL B 255 10.76 2.50 -7.45
CA VAL B 255 12.00 2.45 -8.19
C VAL B 255 12.97 1.50 -7.49
N THR B 256 13.70 0.71 -8.29
CA THR B 256 14.67 -0.29 -7.79
C THR B 256 15.63 0.28 -6.74
N ASN B 257 15.86 -0.49 -5.68
CA ASN B 257 16.83 -0.16 -4.60
C ASN B 257 18.22 0.16 -5.16
N HIS B 258 18.87 1.20 -4.66
CA HIS B 258 20.28 1.44 -5.01
C HIS B 258 21.21 0.45 -4.28
N ARG B 259 22.28 0.05 -4.95
CA ARG B 259 23.31 -0.82 -4.37
C ARG B 259 24.07 -0.14 -3.22
N MET C 1 -27.31 12.79 27.24
CA MET C 1 -26.18 12.47 28.16
C MET C 1 -26.62 11.66 29.38
N LYS C 2 -26.66 10.33 29.38
CA LYS C 2 -26.84 9.42 30.51
C LYS C 2 -26.48 7.98 30.15
N ILE C 3 -25.56 7.42 30.72
CA ILE C 3 -25.13 6.04 30.56
C ILE C 3 -25.60 5.25 31.78
N HIS C 4 -26.32 4.16 31.54
CA HIS C 4 -26.83 3.37 32.64
C HIS C 4 -25.71 2.65 33.39
N PRO C 5 -25.75 2.71 34.75
CA PRO C 5 -24.72 2.10 35.58
C PRO C 5 -24.36 0.66 35.18
N THR C 6 -25.35 -0.11 34.74
CA THR C 6 -25.14 -1.51 34.37
C THR C 6 -24.56 -1.71 32.96
N ALA C 7 -24.55 -0.64 32.15
CA ALA C 7 -23.98 -0.72 30.81
C ALA C 7 -22.47 -0.91 30.91
N ILE C 8 -21.97 -1.92 30.19
CA ILE C 8 -20.55 -2.22 30.15
C ILE C 8 -19.88 -1.60 28.93
N ILE C 9 -19.08 -0.57 29.18
CA ILE C 9 -18.43 0.20 28.12
C ILE C 9 -16.93 0.25 28.32
N ASP C 10 -16.20 -0.25 27.33
CA ASP C 10 -14.75 -0.20 27.31
C ASP C 10 -14.27 1.26 27.42
N PRO C 11 -13.28 1.51 28.31
CA PRO C 11 -12.73 2.86 28.47
C PRO C 11 -12.15 3.49 27.19
N LYS C 12 -11.71 2.65 26.24
CA LYS C 12 -11.15 3.14 24.97
C LYS C 12 -12.22 3.52 23.92
N ALA C 13 -13.46 3.07 24.11
CA ALA C 13 -14.56 3.46 23.22
C ALA C 13 -14.79 4.96 23.30
N GLU C 14 -14.99 5.59 22.16
CA GLU C 14 -15.15 7.04 22.10
C GLU C 14 -16.59 7.45 21.83
N LEU C 15 -17.27 7.87 22.90
CA LEU C 15 -18.65 8.32 22.79
C LEU C 15 -18.72 9.82 23.06
N HIS C 16 -19.41 10.53 22.16
CA HIS C 16 -19.74 11.94 22.35
C HIS C 16 -20.52 12.10 23.65
N GLU C 17 -20.36 13.24 24.32
CA GLU C 17 -20.98 13.48 25.64
C GLU C 17 -22.46 13.16 25.67
N SER C 18 -23.14 13.45 24.56
CA SER C 18 -24.60 13.31 24.41
C SER C 18 -25.08 11.88 24.32
N VAL C 19 -24.19 10.96 23.98
CA VAL C 19 -24.58 9.58 23.67
C VAL C 19 -25.23 8.92 24.89
N GLU C 20 -26.47 8.46 24.71
CA GLU C 20 -27.18 7.70 25.75
C GLU C 20 -27.08 6.21 25.51
N VAL C 21 -26.82 5.48 26.59
CA VAL C 21 -26.60 4.05 26.56
C VAL C 21 -27.45 3.42 27.68
N GLY C 22 -28.33 2.50 27.29
CA GLY C 22 -29.29 1.92 28.21
C GLY C 22 -28.81 0.70 28.96
N PRO C 23 -29.65 0.17 29.87
CA PRO C 23 -29.27 -0.88 30.81
C PRO C 23 -28.80 -2.19 30.18
N TYR C 24 -27.73 -2.75 30.75
CA TYR C 24 -27.15 -4.02 30.32
C TYR C 24 -26.62 -4.05 28.88
N SER C 25 -26.38 -2.87 28.30
CA SER C 25 -25.79 -2.76 26.97
C SER C 25 -24.27 -2.86 27.05
N ILE C 26 -23.66 -3.44 26.02
CA ILE C 26 -22.22 -3.70 25.99
C ILE C 26 -21.58 -2.98 24.79
N ILE C 27 -20.55 -2.17 25.06
CA ILE C 27 -19.82 -1.45 24.02
C ILE C 27 -18.35 -1.76 24.17
N GLU C 28 -17.77 -2.34 23.13
CA GLU C 28 -16.37 -2.76 23.13
C GLU C 28 -15.42 -1.63 22.73
N GLY C 29 -14.11 -1.88 22.76
CA GLY C 29 -13.14 -0.87 22.34
C GLY C 29 -13.03 -0.83 20.82
N ASN C 30 -12.27 0.11 20.29
CA ASN C 30 -12.22 0.38 18.85
C ASN C 30 -13.61 0.74 18.32
N VAL C 31 -14.32 1.54 19.11
CA VAL C 31 -15.68 1.98 18.80
C VAL C 31 -15.74 3.49 18.91
N SER C 32 -16.27 4.14 17.87
CA SER C 32 -16.59 5.56 17.96
C SER C 32 -18.07 5.72 17.70
N ILE C 33 -18.69 6.59 18.50
CA ILE C 33 -20.11 6.90 18.37
C ILE C 33 -20.27 8.41 18.45
N GLN C 34 -20.93 8.99 17.46
CA GLN C 34 -21.07 10.44 17.39
C GLN C 34 -22.35 10.97 18.07
N GLU C 35 -22.45 12.29 18.09
CA GLU C 35 -23.46 13.02 18.84
C GLU C 35 -24.90 12.62 18.55
N GLY C 36 -25.71 12.60 19.61
CA GLY C 36 -27.16 12.45 19.49
C GLY C 36 -27.64 11.04 19.31
N THR C 37 -26.71 10.08 19.35
CA THR C 37 -27.02 8.67 19.20
C THR C 37 -27.55 8.10 20.51
N ILE C 38 -28.65 7.37 20.40
CA ILE C 38 -29.30 6.76 21.54
C ILE C 38 -29.30 5.24 21.41
N ILE C 39 -28.68 4.60 22.39
CA ILE C 39 -28.60 3.16 22.48
C ILE C 39 -29.49 2.72 23.64
N GLU C 40 -30.40 1.80 23.37
CA GLU C 40 -31.34 1.28 24.38
C GLU C 40 -30.71 0.20 25.25
N GLY C 41 -31.54 -0.74 25.72
CA GLY C 41 -31.05 -1.80 26.61
C GLY C 41 -30.64 -3.06 25.87
N HIS C 42 -29.75 -3.81 26.45
CA HIS C 42 -29.31 -5.09 25.94
C HIS C 42 -28.65 -5.07 24.57
N VAL C 43 -28.24 -3.90 24.13
CA VAL C 43 -27.56 -3.69 22.85
C VAL C 43 -26.09 -4.08 22.94
N LYS C 44 -25.54 -4.59 21.84
CA LYS C 44 -24.10 -4.86 21.77
C LYS C 44 -23.47 -4.16 20.57
N ILE C 45 -22.50 -3.29 20.84
CA ILE C 45 -21.76 -2.59 19.81
C ILE C 45 -20.36 -3.14 19.86
N CYS C 46 -19.97 -3.86 18.80
CA CYS C 46 -18.71 -4.61 18.80
C CYS C 46 -17.55 -3.81 18.24
N ALA C 47 -16.33 -4.30 18.51
CA ALA C 47 -15.10 -3.65 18.04
C ALA C 47 -15.13 -3.41 16.53
N GLY C 48 -14.70 -2.22 16.12
CA GLY C 48 -14.65 -1.85 14.71
C GLY C 48 -15.84 -1.01 14.28
N SER C 49 -16.78 -0.78 15.21
CA SER C 49 -18.01 -0.03 14.88
C SER C 49 -17.81 1.48 14.92
N GLU C 50 -18.06 2.12 13.78
CA GLU C 50 -17.98 3.56 13.61
C GLU C 50 -19.35 4.13 13.32
N ILE C 51 -19.95 4.71 14.35
CA ILE C 51 -21.36 5.10 14.31
C ILE C 51 -21.42 6.62 14.25
N GLY C 52 -22.20 7.13 13.32
CA GLY C 52 -22.40 8.54 13.11
C GLY C 52 -23.35 9.15 14.12
N LYS C 53 -24.03 10.20 13.68
CA LYS C 53 -24.88 11.03 14.53
C LYS C 53 -26.35 10.69 14.48
N PHE C 54 -27.02 10.88 15.61
CA PHE C 54 -28.49 10.80 15.73
C PHE C 54 -29.05 9.45 15.29
N ASN C 55 -28.30 8.39 15.56
CA ASN C 55 -28.78 7.03 15.34
C ASN C 55 -29.50 6.52 16.58
N ARG C 56 -30.41 5.57 16.39
CA ARG C 56 -31.04 4.88 17.49
C ARG C 56 -30.89 3.39 17.31
N PHE C 57 -30.47 2.73 18.39
CA PHE C 57 -30.33 1.28 18.46
C PHE C 57 -31.25 0.77 19.55
N HIS C 58 -32.30 0.07 19.14
CA HIS C 58 -33.32 -0.48 20.04
C HIS C 58 -32.86 -1.75 20.75
N GLN C 59 -33.59 -2.07 21.80
CA GLN C 59 -33.32 -3.24 22.65
C GLN C 59 -32.87 -4.48 21.89
N GLY C 60 -31.68 -4.95 22.24
CA GLY C 60 -31.10 -6.19 21.73
C GLY C 60 -30.47 -6.14 20.35
N ALA C 61 -30.43 -4.97 19.71
CA ALA C 61 -29.68 -4.86 18.45
C ALA C 61 -28.21 -5.20 18.69
N VAL C 62 -27.63 -5.96 17.76
CA VAL C 62 -26.24 -6.33 17.82
C VAL C 62 -25.52 -5.78 16.57
N ILE C 63 -24.41 -5.08 16.80
CA ILE C 63 -23.75 -4.25 15.79
C ILE C 63 -22.30 -4.62 15.67
N GLY C 64 -21.88 -4.94 14.45
CA GLY C 64 -20.50 -5.34 14.17
C GLY C 64 -20.09 -6.70 14.65
N VAL C 65 -21.03 -7.63 14.75
CA VAL C 65 -20.74 -9.00 15.17
C VAL C 65 -20.00 -9.77 14.07
N MET C 66 -19.42 -10.90 14.45
CA MET C 66 -18.58 -11.68 13.55
C MET C 66 -19.32 -12.09 12.27
N PRO C 67 -18.65 -11.97 11.10
CA PRO C 67 -19.16 -12.53 9.86
C PRO C 67 -19.58 -14.00 10.00
N GLN C 68 -20.76 -14.29 9.49
CA GLN C 68 -21.21 -15.66 9.28
C GLN C 68 -20.54 -16.15 7.96
N ASP C 69 -19.24 -16.36 8.07
CA ASP C 69 -18.36 -16.71 6.97
C ASP C 69 -17.35 -17.66 7.60
N LEU C 70 -17.37 -18.91 7.16
CA LEU C 70 -16.47 -19.95 7.68
C LEU C 70 -14.99 -19.72 7.36
N GLY C 71 -14.71 -18.88 6.38
CA GLY C 71 -13.33 -18.57 5.97
C GLY C 71 -12.68 -17.40 6.70
N PHE C 72 -13.46 -16.72 7.53
CA PHE C 72 -13.02 -15.50 8.20
C PHE C 72 -12.14 -15.74 9.42
N ASN C 73 -11.00 -15.06 9.44
CA ASN C 73 -10.12 -15.03 10.62
C ASN C 73 -10.67 -14.04 11.66
N GLN C 74 -11.10 -14.57 12.79
CA GLN C 74 -11.78 -13.78 13.82
C GLN C 74 -10.84 -12.91 14.66
N GLN C 75 -9.55 -12.96 14.36
CA GLN C 75 -8.54 -12.10 14.97
C GLN C 75 -8.29 -10.79 14.19
N LEU C 76 -9.03 -10.58 13.10
CA LEU C 76 -8.89 -9.33 12.33
C LEU C 76 -9.79 -8.24 12.88
N LEU C 77 -9.26 -7.03 12.99
CA LEU C 77 -10.06 -5.86 13.31
C LEU C 77 -10.70 -5.31 12.03
N THR C 78 -11.93 -5.72 11.75
CA THR C 78 -12.66 -5.20 10.59
C THR C 78 -13.80 -4.29 11.05
N LYS C 79 -14.37 -3.54 10.12
CA LYS C 79 -15.24 -2.42 10.49
C LYS C 79 -16.73 -2.53 10.12
N THR C 80 -17.54 -1.85 10.92
CA THR C 80 -18.92 -1.58 10.58
C THR C 80 -19.05 -0.06 10.58
N VAL C 81 -19.29 0.49 9.40
CA VAL C 81 -19.37 1.93 9.23
C VAL C 81 -20.84 2.32 9.06
N ILE C 82 -21.34 3.13 10.00
CA ILE C 82 -22.74 3.55 10.01
C ILE C 82 -22.81 5.08 10.00
N GLY C 83 -23.59 5.64 9.07
CA GLY C 83 -23.75 7.10 8.99
C GLY C 83 -24.69 7.67 10.04
N ASP C 84 -25.56 8.57 9.63
CA ASP C 84 -26.39 9.35 10.53
C ASP C 84 -27.86 9.08 10.35
N HIS C 85 -28.62 9.31 11.42
CA HIS C 85 -30.08 9.29 11.38
C HIS C 85 -30.69 7.93 11.00
N ASN C 86 -29.94 6.87 11.29
CA ASN C 86 -30.41 5.49 11.08
C ASN C 86 -31.14 4.96 12.30
N ILE C 87 -32.08 4.04 12.08
CA ILE C 87 -32.78 3.39 13.18
C ILE C 87 -32.58 1.89 13.09
N PHE C 88 -32.11 1.28 14.18
CA PHE C 88 -31.90 -0.15 14.24
C PHE C 88 -32.83 -0.74 15.27
N ARG C 89 -33.82 -1.51 14.81
CA ARG C 89 -34.88 -2.01 15.69
C ARG C 89 -34.46 -3.21 16.52
N GLU C 90 -35.37 -3.67 17.38
CA GLU C 90 -35.10 -4.75 18.34
C GLU C 90 -34.56 -6.01 17.69
N TYR C 91 -33.39 -6.45 18.18
CA TYR C 91 -32.71 -7.66 17.72
C TYR C 91 -32.30 -7.61 16.26
N SER C 92 -32.24 -6.41 15.67
CA SER C 92 -31.64 -6.26 14.34
C SER C 92 -30.15 -6.63 14.46
N ASN C 93 -29.54 -7.11 13.39
CA ASN C 93 -28.30 -7.90 13.47
C ASN C 93 -27.39 -7.48 12.29
N ILE C 94 -26.41 -6.62 12.56
CA ILE C 94 -25.55 -6.00 11.53
C ILE C 94 -24.12 -6.54 11.65
N HIS C 95 -23.61 -7.12 10.57
CA HIS C 95 -22.36 -7.85 10.65
C HIS C 95 -21.22 -7.01 10.08
N LYS C 96 -20.04 -7.07 10.68
CA LYS C 96 -18.89 -6.30 10.18
C LYS C 96 -18.30 -6.94 8.93
N GLY C 97 -17.37 -6.24 8.30
CA GLY C 97 -16.69 -6.73 7.08
C GLY C 97 -15.74 -7.90 7.30
N THR C 98 -15.30 -8.50 6.21
CA THR C 98 -14.41 -9.67 6.26
C THR C 98 -12.93 -9.36 6.00
N LYS C 99 -12.62 -8.11 5.67
CA LYS C 99 -11.23 -7.70 5.48
C LYS C 99 -11.02 -6.34 6.09
N GLU C 100 -9.77 -6.04 6.42
CA GLU C 100 -9.38 -4.76 7.00
C GLU C 100 -9.66 -3.58 6.07
N ASP C 101 -9.65 -3.83 4.76
CA ASP C 101 -10.06 -2.82 3.77
C ASP C 101 -11.49 -3.03 3.16
N SER C 102 -12.28 -3.94 3.74
CA SER C 102 -13.65 -4.20 3.25
C SER C 102 -14.64 -4.10 4.41
N PRO C 103 -15.07 -2.88 4.74
CA PRO C 103 -16.06 -2.76 5.82
C PRO C 103 -17.50 -3.06 5.36
N THR C 104 -18.36 -3.37 6.32
CA THR C 104 -19.79 -3.26 6.09
C THR C 104 -20.14 -1.77 6.20
N VAL C 105 -20.86 -1.25 5.22
CA VAL C 105 -21.12 0.17 5.16
C VAL C 105 -22.61 0.45 5.09
N ILE C 106 -23.07 1.34 5.97
CA ILE C 106 -24.46 1.80 6.01
C ILE C 106 -24.48 3.33 5.97
N GLY C 107 -25.29 3.89 5.08
CA GLY C 107 -25.33 5.33 4.88
C GLY C 107 -26.19 6.04 5.90
N ASN C 108 -27.10 6.87 5.41
CA ASN C 108 -27.92 7.71 6.29
C ASN C 108 -29.40 7.45 6.16
N LYS C 109 -30.13 7.70 7.25
CA LYS C 109 -31.61 7.71 7.23
C LYS C 109 -32.23 6.36 6.82
N ASN C 110 -31.48 5.28 7.06
CA ASN C 110 -31.99 3.92 6.83
C ASN C 110 -32.81 3.42 8.01
N TYR C 111 -33.66 2.43 7.76
CA TYR C 111 -34.50 1.87 8.80
C TYR C 111 -34.39 0.35 8.74
N PHE C 112 -33.94 -0.22 9.85
CA PHE C 112 -33.75 -1.67 9.96
C PHE C 112 -34.75 -2.19 10.99
N MET C 113 -35.80 -2.85 10.49
CA MET C 113 -36.86 -3.33 11.38
C MET C 113 -36.39 -4.51 12.23
N GLY C 114 -37.25 -4.93 13.17
CA GLY C 114 -36.94 -5.98 14.12
C GLY C 114 -36.46 -7.25 13.46
N ASN C 115 -35.39 -7.83 14.01
CA ASN C 115 -34.85 -9.10 13.51
C ASN C 115 -34.28 -9.04 12.09
N SER C 116 -34.12 -7.85 11.53
CA SER C 116 -33.52 -7.76 10.19
C SER C 116 -32.01 -7.95 10.27
N HIS C 117 -31.43 -8.48 9.18
CA HIS C 117 -30.03 -8.89 9.16
C HIS C 117 -29.27 -8.33 7.94
N VAL C 118 -28.12 -7.74 8.21
CA VAL C 118 -27.20 -7.23 7.18
C VAL C 118 -25.89 -8.00 7.30
N GLY C 119 -25.63 -8.86 6.33
CA GLY C 119 -24.43 -9.69 6.34
C GLY C 119 -23.15 -8.92 6.04
N HIS C 120 -22.04 -9.58 6.35
CA HIS C 120 -20.71 -9.04 6.12
C HIS C 120 -20.53 -8.39 4.74
N ASP C 121 -19.90 -7.22 4.73
CA ASP C 121 -19.47 -6.57 3.48
C ASP C 121 -20.60 -6.02 2.60
N CYS C 122 -21.81 -6.00 3.13
CA CYS C 122 -22.90 -5.28 2.50
C CYS C 122 -22.59 -3.78 2.41
N ILE C 123 -23.08 -3.13 1.36
CA ILE C 123 -22.96 -1.68 1.22
C ILE C 123 -24.35 -1.18 0.98
N LEU C 124 -24.83 -0.31 1.87
CA LEU C 124 -26.15 0.31 1.79
C LEU C 124 -25.97 1.82 1.73
N GLY C 125 -26.73 2.45 0.84
CA GLY C 125 -26.70 3.91 0.73
C GLY C 125 -27.60 4.57 1.75
N ASN C 126 -28.52 5.40 1.27
CA ASN C 126 -29.36 6.24 2.12
C ASN C 126 -30.82 5.96 1.98
N ASN C 127 -31.56 6.15 3.07
CA ASN C 127 -33.03 6.13 3.02
C ASN C 127 -33.65 4.77 2.68
N ASN C 128 -32.92 3.69 2.92
CA ASN C 128 -33.46 2.36 2.65
C ASN C 128 -34.28 1.82 3.82
N ILE C 129 -35.25 0.96 3.51
CA ILE C 129 -36.01 0.25 4.54
C ILE C 129 -35.79 -1.27 4.43
N LEU C 130 -35.32 -1.87 5.53
CA LEU C 130 -35.20 -3.29 5.64
C LEU C 130 -36.27 -3.77 6.62
N THR C 131 -37.32 -4.36 6.07
CA THR C 131 -38.50 -4.74 6.84
C THR C 131 -38.24 -5.96 7.75
N HIS C 132 -39.18 -6.18 8.65
CA HIS C 132 -39.09 -7.19 9.69
C HIS C 132 -38.64 -8.57 9.22
N GLY C 133 -37.56 -9.07 9.83
CA GLY C 133 -37.08 -10.43 9.57
C GLY C 133 -36.38 -10.66 8.24
N ALA C 134 -36.23 -9.62 7.43
CA ALA C 134 -35.58 -9.76 6.12
C ALA C 134 -34.07 -9.95 6.30
N VAL C 135 -33.45 -10.73 5.39
CA VAL C 135 -32.02 -11.04 5.50
C VAL C 135 -31.25 -10.67 4.22
N LEU C 136 -30.18 -9.90 4.37
CA LEU C 136 -29.23 -9.69 3.30
C LEU C 136 -28.02 -10.58 3.61
N ALA C 137 -27.69 -11.45 2.65
CA ALA C 137 -26.48 -12.23 2.71
C ALA C 137 -25.30 -11.27 2.63
N GLY C 138 -24.09 -11.81 2.86
CA GLY C 138 -22.89 -11.04 2.69
C GLY C 138 -22.84 -10.45 1.31
N HIS C 139 -22.11 -9.35 1.13
CA HIS C 139 -21.89 -8.78 -0.20
C HIS C 139 -23.15 -8.39 -0.98
N VAL C 140 -24.19 -7.93 -0.27
CA VAL C 140 -25.36 -7.35 -0.93
C VAL C 140 -25.19 -5.83 -0.98
N THR C 141 -25.62 -5.22 -2.07
CA THR C 141 -25.46 -3.80 -2.24
C THR C 141 -26.82 -3.21 -2.53
N LEU C 142 -27.19 -2.21 -1.72
CA LEU C 142 -28.38 -1.43 -1.93
C LEU C 142 -27.97 -0.02 -2.30
N GLY C 143 -28.75 0.61 -3.17
CA GLY C 143 -28.55 2.01 -3.51
C GLY C 143 -29.24 2.89 -2.49
N ASN C 144 -30.13 3.75 -2.97
CA ASN C 144 -30.90 4.67 -2.14
C ASN C 144 -32.40 4.44 -2.24
N PHE C 145 -33.11 4.63 -1.13
CA PHE C 145 -34.58 4.58 -1.09
C PHE C 145 -35.14 3.23 -1.54
N ALA C 146 -34.37 2.16 -1.35
CA ALA C 146 -34.86 0.83 -1.67
C ALA C 146 -35.75 0.33 -0.52
N PHE C 147 -36.85 -0.32 -0.86
CA PHE C 147 -37.76 -0.89 0.13
C PHE C 147 -37.70 -2.41 0.02
N ILE C 148 -37.23 -3.06 1.07
CA ILE C 148 -37.15 -4.51 1.13
C ILE C 148 -38.19 -4.91 2.15
N SER C 149 -39.20 -5.66 1.72
CA SER C 149 -40.31 -6.02 2.60
C SER C 149 -39.98 -7.20 3.51
N GLY C 150 -40.97 -7.70 4.22
CA GLY C 150 -40.74 -8.63 5.32
C GLY C 150 -40.32 -10.01 4.88
N LEU C 151 -39.40 -10.60 5.64
CA LEU C 151 -38.96 -11.99 5.40
C LEU C 151 -38.44 -12.26 3.98
N VAL C 152 -37.91 -11.20 3.38
CA VAL C 152 -37.17 -11.29 2.14
C VAL C 152 -35.76 -11.85 2.41
N ALA C 153 -35.27 -12.66 1.47
CA ALA C 153 -33.89 -13.09 1.50
C ALA C 153 -33.22 -12.64 0.23
N VAL C 154 -32.06 -11.97 0.36
CA VAL C 154 -31.25 -11.53 -0.80
C VAL C 154 -29.90 -12.26 -0.82
N HIS C 155 -29.63 -12.87 -1.98
CA HIS C 155 -28.41 -13.64 -2.25
C HIS C 155 -27.16 -12.74 -2.31
N GLN C 156 -26.04 -13.27 -1.85
CA GLN C 156 -24.71 -12.69 -2.01
C GLN C 156 -24.48 -12.19 -3.43
N PHE C 157 -23.91 -10.99 -3.52
CA PHE C 157 -23.42 -10.39 -4.77
C PHE C 157 -24.51 -9.78 -5.66
N CYS C 158 -25.72 -9.68 -5.11
CA CYS C 158 -26.79 -8.99 -5.77
C CYS C 158 -26.74 -7.50 -5.50
N PHE C 159 -27.26 -6.74 -6.46
CA PHE C 159 -27.44 -5.31 -6.31
C PHE C 159 -28.91 -4.99 -6.31
N VAL C 160 -29.29 -4.02 -5.49
CA VAL C 160 -30.67 -3.58 -5.38
C VAL C 160 -30.66 -2.11 -5.72
N GLY C 161 -31.24 -1.77 -6.88
CA GLY C 161 -31.22 -0.39 -7.41
C GLY C 161 -32.07 0.59 -6.63
N ASP C 162 -31.82 1.88 -6.84
CA ASP C 162 -32.60 2.97 -6.22
C ASP C 162 -34.09 2.88 -6.41
N TYR C 163 -34.83 3.17 -5.34
CA TYR C 163 -36.29 3.34 -5.42
C TYR C 163 -36.99 2.04 -5.82
N SER C 164 -36.33 0.90 -5.62
CA SER C 164 -36.91 -0.40 -5.91
C SER C 164 -37.71 -0.97 -4.73
N MET C 165 -38.58 -1.92 -5.02
CA MET C 165 -39.30 -2.61 -3.97
C MET C 165 -39.22 -4.11 -4.15
N VAL C 166 -38.93 -4.82 -3.05
CA VAL C 166 -38.99 -6.26 -3.01
C VAL C 166 -40.11 -6.65 -2.06
N ALA C 167 -41.16 -7.29 -2.58
CA ALA C 167 -42.34 -7.63 -1.77
C ALA C 167 -42.01 -8.75 -0.78
N GLY C 168 -42.85 -8.91 0.25
CA GLY C 168 -42.58 -9.85 1.35
C GLY C 168 -42.36 -11.27 0.89
N LEU C 169 -41.39 -11.95 1.51
CA LEU C 169 -41.10 -13.37 1.28
C LEU C 169 -40.57 -13.71 -0.11
N ALA C 170 -40.03 -12.68 -0.77
CA ALA C 170 -39.39 -12.85 -2.06
C ALA C 170 -37.99 -13.42 -1.90
N LYS C 171 -37.67 -14.37 -2.77
CA LYS C 171 -36.35 -14.98 -2.82
C LYS C 171 -35.59 -14.29 -3.94
N VAL C 172 -34.66 -13.40 -3.54
CA VAL C 172 -33.83 -12.64 -4.49
C VAL C 172 -32.48 -13.33 -4.79
N VAL C 173 -32.32 -13.74 -6.04
CA VAL C 173 -31.11 -14.43 -6.48
C VAL C 173 -30.30 -13.66 -7.56
N GLN C 174 -30.92 -12.65 -8.16
CA GLN C 174 -30.27 -11.82 -9.16
C GLN C 174 -30.57 -10.34 -8.85
N ASP C 175 -30.05 -9.42 -9.65
CA ASP C 175 -30.20 -8.00 -9.31
C ASP C 175 -31.64 -7.53 -9.31
N VAL C 176 -31.94 -6.57 -8.44
CA VAL C 176 -33.23 -5.91 -8.45
C VAL C 176 -33.07 -4.53 -9.13
N PRO C 177 -33.61 -4.36 -10.36
CA PRO C 177 -33.36 -3.17 -11.15
C PRO C 177 -33.99 -1.92 -10.53
N PRO C 178 -33.41 -0.75 -10.79
CA PRO C 178 -33.95 0.48 -10.21
C PRO C 178 -35.41 0.76 -10.63
N TYR C 179 -36.14 1.39 -9.72
CA TYR C 179 -37.52 1.83 -9.95
C TYR C 179 -38.50 0.69 -10.13
N SER C 180 -38.08 -0.54 -9.80
CA SER C 180 -38.85 -1.74 -10.10
C SER C 180 -39.33 -2.42 -8.87
N THR C 181 -40.34 -3.28 -9.04
CA THR C 181 -40.88 -4.11 -7.96
C THR C 181 -40.62 -5.59 -8.29
N VAL C 182 -40.08 -6.31 -7.30
CA VAL C 182 -39.71 -7.71 -7.46
C VAL C 182 -40.47 -8.53 -6.43
N ASP C 183 -40.95 -9.69 -6.85
CA ASP C 183 -41.81 -10.49 -6.00
C ASP C 183 -41.83 -11.97 -6.40
N GLY C 184 -41.85 -12.83 -5.39
CA GLY C 184 -42.14 -14.25 -5.57
C GLY C 184 -41.02 -15.20 -5.18
N ASN C 185 -41.28 -16.49 -5.40
CA ASN C 185 -40.25 -17.50 -5.28
C ASN C 185 -40.59 -18.59 -6.31
N PRO C 186 -39.87 -18.64 -7.45
CA PRO C 186 -38.76 -17.75 -7.86
C PRO C 186 -39.28 -16.35 -8.11
N SER C 187 -38.48 -15.35 -7.74
CA SER C 187 -38.96 -14.00 -7.88
C SER C 187 -38.80 -13.50 -9.30
N THR C 188 -39.68 -12.56 -9.67
CA THR C 188 -39.65 -11.94 -10.99
C THR C 188 -39.80 -10.42 -10.84
N VAL C 189 -39.36 -9.67 -11.84
CA VAL C 189 -39.71 -8.26 -11.91
C VAL C 189 -41.17 -8.22 -12.33
N VAL C 190 -42.00 -7.62 -11.47
CA VAL C 190 -43.45 -7.61 -11.61
C VAL C 190 -43.92 -6.41 -12.41
N GLY C 191 -43.29 -5.27 -12.13
CA GLY C 191 -43.54 -4.04 -12.87
C GLY C 191 -42.74 -2.93 -12.27
N LEU C 192 -43.30 -1.72 -12.32
CA LEU C 192 -42.63 -0.53 -11.80
C LEU C 192 -43.00 -0.30 -10.37
N ASN C 193 -42.07 0.26 -9.60
CA ASN C 193 -42.41 0.76 -8.27
C ASN C 193 -42.99 2.17 -8.40
N SER C 194 -44.17 2.26 -9.03
CA SER C 194 -44.89 3.52 -9.22
C SER C 194 -45.20 4.24 -7.92
N VAL C 195 -45.57 3.48 -6.89
CA VAL C 195 -45.92 4.04 -5.57
C VAL C 195 -44.73 4.79 -4.96
N GLY C 196 -43.57 4.14 -4.96
CA GLY C 196 -42.34 4.73 -4.44
C GLY C 196 -41.80 5.90 -5.26
N MET C 197 -41.97 5.84 -6.59
CA MET C 197 -41.67 6.99 -7.44
C MET C 197 -42.62 8.19 -7.18
N LYS C 198 -43.92 7.93 -7.11
CA LYS C 198 -44.91 8.98 -6.77
C LYS C 198 -44.65 9.58 -5.39
N ARG C 199 -44.39 8.71 -4.41
CA ARG C 199 -44.02 9.11 -3.05
C ARG C 199 -42.77 10.00 -3.04
N ALA C 200 -41.87 9.76 -3.99
CA ALA C 200 -40.61 10.50 -4.08
C ALA C 200 -40.67 11.75 -4.95
N GLY C 201 -41.86 12.10 -5.44
CA GLY C 201 -42.03 13.33 -6.22
C GLY C 201 -41.41 13.35 -7.61
N PHE C 202 -41.06 12.16 -8.13
CA PHE C 202 -40.71 12.04 -9.54
C PHE C 202 -41.86 12.62 -10.33
N SER C 203 -41.56 13.49 -11.28
CA SER C 203 -42.58 14.10 -12.12
C SER C 203 -43.28 13.02 -12.95
N PRO C 204 -44.52 13.28 -13.40
CA PRO C 204 -45.17 12.31 -14.30
C PRO C 204 -44.30 11.97 -15.53
N GLU C 205 -43.53 12.95 -15.99
CA GLU C 205 -42.72 12.82 -17.18
C GLU C 205 -41.48 11.96 -16.95
N VAL C 206 -40.90 12.03 -15.75
CA VAL C 206 -39.78 11.17 -15.39
C VAL C 206 -40.27 9.72 -15.23
N ARG C 207 -41.43 9.54 -14.60
CA ARG C 207 -42.03 8.22 -14.43
C ARG C 207 -42.35 7.54 -15.77
N ASN C 208 -42.90 8.30 -16.71
CA ASN C 208 -43.18 7.78 -18.05
C ASN C 208 -41.94 7.45 -18.87
N ALA C 209 -40.87 8.21 -18.69
CA ALA C 209 -39.56 7.89 -19.32
C ALA C 209 -38.99 6.59 -18.77
N ILE C 210 -39.16 6.36 -17.47
CA ILE C 210 -38.66 5.14 -16.82
C ILE C 210 -39.52 3.95 -17.28
N LYS C 211 -40.83 4.18 -17.38
CA LYS C 211 -41.78 3.18 -17.89
C LYS C 211 -41.45 2.72 -19.30
N HIS C 212 -41.12 3.68 -20.17
CA HIS C 212 -40.76 3.38 -21.56
C HIS C 212 -39.43 2.61 -21.66
N ALA C 213 -38.46 2.98 -20.82
CA ALA C 213 -37.21 2.22 -20.75
C ALA C 213 -37.49 0.73 -20.44
N TYR C 214 -38.35 0.46 -19.47
CA TYR C 214 -38.68 -0.92 -19.15
C TYR C 214 -39.61 -1.56 -20.17
N LYS C 215 -40.35 -0.73 -20.92
CA LYS C 215 -41.17 -1.23 -22.02
C LYS C 215 -40.27 -1.78 -23.13
N VAL C 216 -39.24 -1.02 -23.47
CA VAL C 216 -38.23 -1.44 -24.44
C VAL C 216 -37.49 -2.67 -23.92
N ILE C 217 -37.04 -2.61 -22.66
CA ILE C 217 -36.28 -3.73 -22.08
C ILE C 217 -37.08 -5.05 -21.97
N TYR C 218 -38.31 -4.96 -21.48
CA TYR C 218 -39.06 -6.15 -21.07
C TYR C 218 -40.25 -6.51 -21.95
N HIS C 219 -40.77 -5.53 -22.70
CA HIS C 219 -42.06 -5.75 -23.36
C HIS C 219 -42.07 -5.49 -24.87
N SER C 220 -40.90 -5.56 -25.53
CA SER C 220 -40.82 -5.29 -26.97
C SER C 220 -40.28 -6.46 -27.82
N GLY C 221 -40.23 -7.67 -27.26
CA GLY C 221 -39.79 -8.85 -28.01
C GLY C 221 -38.35 -8.80 -28.51
N ILE C 222 -37.49 -8.14 -27.75
CA ILE C 222 -36.07 -8.03 -28.11
C ILE C 222 -35.24 -8.44 -26.93
N SER C 223 -34.07 -9.02 -27.19
CA SER C 223 -33.12 -9.34 -26.12
C SER C 223 -32.76 -8.10 -25.34
N THR C 224 -32.33 -8.30 -24.11
CA THR C 224 -31.86 -7.22 -23.23
C THR C 224 -30.73 -6.43 -23.88
N ARG C 225 -29.77 -7.14 -24.47
CA ARG C 225 -28.67 -6.54 -25.26
C ARG C 225 -29.16 -5.53 -26.30
N LYS C 226 -30.08 -5.96 -27.15
CA LYS C 226 -30.58 -5.12 -28.23
C LYS C 226 -31.43 -3.97 -27.67
N ALA C 227 -32.08 -4.22 -26.53
CA ALA C 227 -32.96 -3.24 -25.89
C ALA C 227 -32.20 -2.04 -25.36
N LEU C 228 -31.08 -2.29 -24.69
CA LEU C 228 -30.21 -1.26 -24.13
C LEU C 228 -29.58 -0.41 -25.22
N ASP C 229 -29.11 -1.07 -26.29
CA ASP C 229 -28.61 -0.39 -27.48
C ASP C 229 -29.67 0.52 -28.12
N GLU C 230 -30.89 0.00 -28.17
CA GLU C 230 -32.05 0.72 -28.70
C GLU C 230 -32.39 1.96 -27.89
N LEU C 231 -32.29 1.89 -26.56
CA LEU C 231 -32.55 3.04 -25.70
C LEU C 231 -31.50 4.13 -25.94
N GLU C 232 -30.26 3.69 -26.17
CA GLU C 232 -29.15 4.59 -26.43
C GLU C 232 -29.20 5.18 -27.85
N ALA C 233 -29.99 4.57 -28.74
CA ALA C 233 -30.18 5.09 -30.11
C ALA C 233 -30.34 6.62 -30.04
N SER C 234 -31.35 7.15 -29.37
CA SER C 234 -32.76 6.84 -29.54
C SER C 234 -33.24 8.27 -29.38
N GLY C 235 -32.32 9.07 -28.83
CA GLY C 235 -32.49 10.48 -28.52
C GLY C 235 -31.65 10.85 -27.29
N ASN C 236 -32.22 11.73 -26.47
CA ASN C 236 -31.58 12.25 -25.25
C ASN C 236 -32.14 11.65 -23.92
N LEU C 237 -31.34 10.80 -23.28
CA LEU C 237 -31.79 10.06 -22.10
C LEU C 237 -31.63 10.82 -20.80
N ILE C 238 -32.69 10.82 -19.98
CA ILE C 238 -32.57 11.34 -18.61
C ILE C 238 -31.59 10.48 -17.79
N GLU C 239 -31.03 11.07 -16.75
CA GLU C 239 -30.09 10.39 -15.86
C GLU C 239 -30.62 9.07 -15.27
N GLN C 240 -31.91 9.06 -14.91
CA GLN C 240 -32.55 7.85 -14.36
C GLN C 240 -32.43 6.66 -15.31
N VAL C 241 -32.62 6.91 -16.60
CA VAL C 241 -32.63 5.87 -17.61
C VAL C 241 -31.21 5.45 -18.01
N LYS C 242 -30.29 6.42 -18.05
CA LYS C 242 -28.86 6.09 -18.17
C LYS C 242 -28.38 5.24 -17.00
N TYR C 243 -28.88 5.53 -15.80
CA TYR C 243 -28.59 4.69 -14.64
C TYR C 243 -29.13 3.25 -14.84
N ILE C 244 -30.39 3.12 -15.27
CA ILE C 244 -30.97 1.80 -15.58
C ILE C 244 -30.04 1.01 -16.50
N ILE C 245 -29.69 1.60 -17.64
CA ILE C 245 -28.85 0.96 -18.66
C ILE C 245 -27.50 0.53 -18.08
N LYS C 246 -26.88 1.44 -17.31
CA LYS C 246 -25.59 1.14 -16.66
C LYS C 246 -25.75 -0.05 -15.70
N PHE C 247 -26.83 -0.04 -14.91
CA PHE C 247 -27.14 -1.09 -13.92
C PHE C 247 -27.19 -2.48 -14.56
N PHE C 248 -27.89 -2.60 -15.69
CA PHE C 248 -27.94 -3.88 -16.44
C PHE C 248 -26.57 -4.25 -16.98
N ARG C 249 -25.86 -3.27 -17.57
CA ARG C 249 -24.53 -3.50 -18.14
C ARG C 249 -23.49 -3.89 -17.07
N ASP C 250 -23.62 -3.32 -15.86
CA ASP C 250 -22.67 -3.56 -14.76
C ASP C 250 -22.97 -4.77 -13.92
N SER C 251 -24.09 -5.44 -14.18
CA SER C 251 -24.54 -6.54 -13.34
C SER C 251 -23.57 -7.70 -13.33
N ASP C 252 -23.29 -8.21 -12.13
CA ASP C 252 -22.43 -9.38 -11.99
C ASP C 252 -23.23 -10.68 -12.13
N ARG C 253 -24.32 -10.82 -11.36
CA ARG C 253 -25.15 -12.04 -11.38
C ARG C 253 -26.23 -12.11 -12.47
N GLY C 254 -26.44 -11.01 -13.18
CA GLY C 254 -27.61 -10.87 -14.06
C GLY C 254 -28.70 -10.15 -13.29
N VAL C 255 -29.68 -9.65 -14.02
CA VAL C 255 -30.81 -8.96 -13.43
C VAL C 255 -32.00 -9.93 -13.44
N THR C 256 -32.81 -9.84 -12.39
CA THR C 256 -33.99 -10.66 -12.22
C THR C 256 -34.84 -10.65 -13.50
N ASN C 257 -35.27 -11.83 -13.95
CA ASN C 257 -36.14 -11.94 -15.11
C ASN C 257 -37.52 -11.36 -14.83
N HIS C 258 -38.16 -10.79 -15.85
CA HIS C 258 -39.50 -10.23 -15.73
C HIS C 258 -40.53 -11.34 -15.69
N ARG C 259 -41.69 -11.04 -15.09
CA ARG C 259 -42.77 -11.99 -14.91
C ARG C 259 -43.46 -12.40 -16.22
#